data_7N72
#
_entry.id   7N72
#
_cell.length_a   1.00
_cell.length_b   1.00
_cell.length_c   1.00
_cell.angle_alpha   90.00
_cell.angle_beta   90.00
_cell.angle_gamma   90.00
#
_symmetry.space_group_name_H-M   'P 1'
#
loop_
_entity.id
_entity.type
_entity.pdbx_description
1 polymer 'Isoform 3 of Polyamine-transporting ATPase 13A2'
2 non-polymer 'TETRAFLUOROALUMINATE ION'
3 non-polymer 'MAGNESIUM ION'
4 non-polymer SPERMINE
5 non-polymer 'CHOLESTEROL HEMISUCCINATE'
6 non-polymer 1,2-DIACYL-SN-GLYCERO-3-PHOSPHOCHOLINE
7 non-polymer DODECYL-BETA-D-MALTOSIDE
8 water water
#
_entity_poly.entity_id   1
_entity_poly.type   'polypeptide(L)'
_entity_poly.pdbx_seq_one_letter_code
;MSADSSPLVGSTPTGYGTLTIGTSIDPLSSSVSSVRLSGYCGSPWRVIGYHVVVWMMAGIPLLLFRWKPLWGVRLRLRPC
NLAHAETLVIEIRDKEDSSWQLFTVQVQTEAIGEGSLEPSPQSQAEDGRSQAAVGAVPEGAWKDTAQLHKSEEAKRVLRY
YLFQGQRYIWIETQQAFYQVSLLDHGRSCDDVHRSRHGLSLQDQMVRKAIYGPNVISIPVKSYPQLLVDEALNPYYGFQA
FSIALWLADHYYWYALCIFLISSISICLSLYKTRKQSQTLRDMVKLSMRVCVCRPGGEEEWVDSSELVPGDCLVLPQEGG
LMPCDAALVAGECMVNESSLTGESIPVLKTALPEGLGPYCAETHRRHTLFCGTLILQARAYVGPHVLAVVTRTGFCTAKG
GLVSSILHPRPINFKFYKHSMKFVAALSVLALLGTIYSIFILYRNRVPLNEIVIRALDLVTVVVPPALPAAMTVCTLYAQ
SRLRRQGIFCIHPLRINLGGKLQLVCFDKTGTLTEDGLDVMGVVPLKGQAFLPLVPEPRRLPVGPLLRALATCHALSRLQ
DTPVGDPMDLKMVESTGWVLEEEPAADSAFGTQVLAVMRPPLWEPQLQAMEEPPVPVSVLHRFPFSSALQRMSVVVAWPG
ATQPEAYVKGSPELVAGLCNPETVPTDFAQMLQSYTAAGYRVVALASKPLPTVPSLEAAQQLTRDTVEGDLSLLGLLVMR
NLLKPQTTPVIQALRRTRIRAVMVTGDNLQTAVTVARGCGMVAPQEHLIIVHATHPERGQPASLEFLPMESPTAVNGVKD
PDQAASYTVEPDPRSRHLALSGPTFGIIVKHFPKLLPKVLVQGTVFARMAPEQKTELVCELQKLQYCVGMCGDGANDCGA
LKAADVGISLSQAEASVVSPFTSSMASIECVPMVIREGRCSLDTSFSVFKYMALYSLTQFISVLILYTINTNLGDLQFLA
IDLVITTTVAVLMSRTGPALVLGRVRPPGALLSVPVLSSLLLQMVLVTGVQLGGYFLTLAQPWFVPLNRTVAAPDNLPNY
ENTVVFSLSSFQYLILAAAVSKGAPFRRPLYTNVPFLVALALLSSVLVGLVLVPGLLQGPLALRNITDTGFKLLLLGLVT
LNFVGAFMLESVLDQCLPACLRRLRPKRASKKRFKQLERELAEQPWPPLPAGPLR
;
_entity_poly.pdbx_strand_id   A
#
loop_
_chem_comp.id
_chem_comp.type
_chem_comp.name
_chem_comp.formula
ALF non-polymer 'TETRAFLUOROALUMINATE ION' 'Al F4 -1'
LMT D-saccharide DODECYL-BETA-D-MALTOSIDE 'C24 H46 O11'
MG non-polymer 'MAGNESIUM ION' 'Mg 2'
PC1 non-polymer 1,2-DIACYL-SN-GLYCERO-3-PHOSPHOCHOLINE 'C44 H88 N O8 P'
SPM non-polymer SPERMINE 'C10 H26 N4'
Y01 non-polymer 'CHOLESTEROL HEMISUCCINATE' 'C31 H50 O4'
#
# COMPACT_ATOMS: atom_id res chain seq x y z
N SER A 34 10.57 -2.67 25.49
CA SER A 34 11.76 -2.27 26.23
C SER A 34 12.79 -1.62 25.31
N VAL A 35 13.45 -0.57 25.80
CA VAL A 35 14.45 0.15 25.04
C VAL A 35 15.71 0.28 25.89
N ARG A 36 16.83 0.52 25.21
CA ARG A 36 18.12 0.66 25.86
C ARG A 36 18.87 1.83 25.25
N LEU A 37 19.40 2.70 26.11
CA LEU A 37 20.14 3.88 25.69
C LEU A 37 21.61 3.70 26.07
N SER A 38 22.47 3.72 25.07
CA SER A 38 23.91 3.63 25.27
C SER A 38 24.55 4.97 24.92
N GLY A 39 25.33 5.53 25.84
CA GLY A 39 25.90 6.85 25.64
C GLY A 39 27.36 6.81 25.22
N TYR A 40 27.69 7.60 24.18
CA TYR A 40 29.04 7.64 23.65
C TYR A 40 29.44 9.08 23.37
N CYS A 41 30.59 9.50 23.92
CA CYS A 41 31.21 10.76 23.56
C CYS A 41 32.29 10.49 22.51
N GLY A 42 33.08 11.51 22.21
CA GLY A 42 34.13 11.36 21.21
C GLY A 42 35.42 12.01 21.67
N SER A 43 36.53 11.48 21.16
CA SER A 43 37.84 12.04 21.36
C SER A 43 38.43 12.40 20.00
N PRO A 44 38.98 13.60 19.83
CA PRO A 44 39.47 13.99 18.49
C PRO A 44 40.56 13.08 17.97
N TRP A 45 41.57 12.77 18.79
CA TRP A 45 42.59 11.82 18.37
C TRP A 45 41.97 10.49 18.00
N ARG A 46 41.01 10.01 18.80
CA ARG A 46 40.31 8.78 18.49
C ARG A 46 39.50 8.88 17.21
N VAL A 47 38.92 10.06 16.95
CA VAL A 47 38.13 10.25 15.74
C VAL A 47 39.03 10.15 14.50
N ILE A 48 40.16 10.86 14.53
CA ILE A 48 41.09 10.82 13.41
C ILE A 48 41.66 9.42 13.24
N GLY A 49 41.96 8.76 14.37
CA GLY A 49 42.48 7.41 14.29
C GLY A 49 41.50 6.44 13.66
N TYR A 50 40.23 6.50 14.08
CA TYR A 50 39.20 5.69 13.44
C TYR A 50 39.12 5.98 11.95
N HIS A 51 39.09 7.26 11.58
CA HIS A 51 38.95 7.60 10.16
C HIS A 51 40.12 7.06 9.36
N VAL A 52 41.35 7.22 9.84
CA VAL A 52 42.50 6.73 9.09
C VAL A 52 42.53 5.21 9.03
N VAL A 53 42.22 4.54 10.14
CA VAL A 53 42.27 3.08 10.14
C VAL A 53 41.18 2.49 9.25
N VAL A 54 40.07 3.21 9.05
CA VAL A 54 39.00 2.70 8.21
C VAL A 54 39.09 3.21 6.77
N TRP A 55 39.93 4.20 6.49
CA TRP A 55 40.09 4.70 5.13
C TRP A 55 41.40 4.25 4.48
N MET A 56 42.54 4.55 5.11
CA MET A 56 43.83 4.27 4.48
C MET A 56 44.15 2.78 4.45
N MET A 57 43.75 2.05 5.49
CA MET A 57 44.06 0.62 5.55
C MET A 57 43.30 -0.16 4.49
N ALA A 58 41.98 -0.12 4.55
CA ALA A 58 41.14 -0.79 3.57
C ALA A 58 39.76 -0.15 3.58
N GLY A 59 38.97 -0.45 2.55
CA GLY A 59 37.61 0.06 2.47
C GLY A 59 36.60 -0.87 3.11
N ILE A 60 37.01 -2.13 3.28
CA ILE A 60 36.15 -3.16 3.87
C ILE A 60 35.65 -2.81 5.26
N PRO A 61 36.46 -2.19 6.14
CA PRO A 61 35.93 -1.85 7.47
C PRO A 61 34.70 -0.96 7.43
N LEU A 62 34.56 -0.08 6.44
CA LEU A 62 33.34 0.72 6.33
C LEU A 62 32.12 -0.17 6.12
N LEU A 63 32.23 -1.18 5.25
CA LEU A 63 31.12 -2.10 5.06
C LEU A 63 30.89 -2.99 6.26
N LEU A 64 31.97 -3.36 6.96
CA LEU A 64 31.81 -4.16 8.17
C LEU A 64 31.07 -3.38 9.25
N PHE A 65 31.33 -2.07 9.33
CA PHE A 65 30.64 -1.24 10.30
C PHE A 65 29.21 -0.93 9.86
N ARG A 66 28.97 -0.84 8.56
CA ARG A 66 27.59 -0.69 8.09
C ARG A 66 26.77 -1.95 8.36
N TRP A 67 27.40 -3.13 8.31
CA TRP A 67 26.68 -4.36 8.58
C TRP A 67 26.39 -4.51 10.08
N LYS A 68 27.34 -4.14 10.93
CA LYS A 68 27.10 -4.04 12.38
C LYS A 68 27.66 -2.71 12.87
N PRO A 69 26.80 -1.74 13.16
CA PRO A 69 27.30 -0.43 13.62
C PRO A 69 27.82 -0.45 15.05
N LEU A 70 27.59 -1.54 15.80
CA LEU A 70 28.09 -1.61 17.17
C LEU A 70 29.61 -1.53 17.20
N TRP A 71 30.28 -2.25 16.31
CA TRP A 71 31.74 -2.18 16.26
C TRP A 71 32.21 -0.80 15.85
N GLY A 72 31.53 -0.18 14.89
CA GLY A 72 31.91 1.16 14.47
C GLY A 72 31.78 2.19 15.57
N VAL A 73 30.71 2.10 16.37
CA VAL A 73 30.53 3.06 17.45
C VAL A 73 31.42 2.74 18.65
N ARG A 74 31.81 1.47 18.84
CA ARG A 74 32.78 1.16 19.88
C ARG A 74 34.19 1.56 19.48
N LEU A 75 34.47 1.64 18.18
CA LEU A 75 35.79 2.05 17.73
C LEU A 75 35.93 3.56 17.64
N ARG A 76 34.95 4.24 17.05
CA ARG A 76 35.05 5.67 16.83
C ARG A 76 34.72 6.49 18.08
N LEU A 77 33.80 6.01 18.91
CA LEU A 77 33.31 6.76 20.06
C LEU A 77 33.61 6.01 21.34
N ARG A 78 34.10 6.74 22.34
CA ARG A 78 34.28 6.07 23.62
C ARG A 78 32.97 6.03 24.38
N PRO A 79 32.73 5.00 25.20
CA PRO A 79 31.52 4.98 26.02
C PRO A 79 31.54 6.08 27.07
N CYS A 80 30.43 6.80 27.17
CA CYS A 80 30.31 7.91 28.08
C CYS A 80 28.99 7.82 28.83
N ASN A 81 28.95 8.42 30.01
CA ASN A 81 27.74 8.41 30.82
C ASN A 81 26.62 9.12 30.05
N LEU A 82 25.40 8.59 30.17
CA LEU A 82 24.26 9.11 29.42
C LEU A 82 24.02 10.60 29.67
N ALA A 83 24.47 11.12 30.81
CA ALA A 83 24.31 12.53 31.11
C ALA A 83 25.24 13.42 30.29
N HIS A 84 26.35 12.87 29.79
CA HIS A 84 27.30 13.61 28.98
C HIS A 84 27.35 13.14 27.54
N ALA A 85 26.57 12.12 27.19
CA ALA A 85 26.66 11.50 25.88
C ALA A 85 26.40 12.49 24.76
N GLU A 86 27.08 12.26 23.62
CA GLU A 86 26.80 12.97 22.39
C GLU A 86 26.27 12.04 21.31
N THR A 87 26.20 10.75 21.59
CA THR A 87 25.72 9.75 20.64
C THR A 87 25.04 8.65 21.41
N LEU A 88 23.88 8.23 20.95
CA LEU A 88 23.10 7.20 21.60
C LEU A 88 22.78 6.07 20.63
N VAL A 89 22.86 4.84 21.14
CA VAL A 89 22.46 3.65 20.41
C VAL A 89 21.09 3.25 20.91
N ILE A 90 20.09 3.38 20.05
CA ILE A 90 18.70 3.08 20.41
C ILE A 90 18.36 1.73 19.81
N GLU A 91 18.06 0.77 20.69
CA GLU A 91 17.74 -0.59 20.30
C GLU A 91 16.44 -1.02 20.96
N ILE A 92 15.53 -1.59 20.16
CA ILE A 92 14.14 -1.78 20.55
C ILE A 92 13.86 -3.27 20.76
N TRP A 100 15.70 -8.14 16.88
CA TRP A 100 16.28 -6.97 17.52
C TRP A 100 16.75 -5.96 16.48
N GLN A 101 16.47 -4.68 16.72
CA GLN A 101 16.82 -3.60 15.80
C GLN A 101 17.77 -2.66 16.51
N LEU A 102 18.80 -2.21 15.80
CA LEU A 102 19.77 -1.24 16.32
C LEU A 102 19.71 0.06 15.55
N PHE A 103 19.68 1.17 16.29
CA PHE A 103 19.68 2.49 15.72
C PHE A 103 20.67 3.37 16.49
N THR A 104 21.20 4.37 15.80
CA THR A 104 22.13 5.34 16.36
C THR A 104 21.59 6.74 16.12
N VAL A 105 21.60 7.57 17.15
CA VAL A 105 20.97 8.88 17.12
C VAL A 105 21.92 9.90 17.70
N GLN A 106 22.04 11.05 17.05
CA GLN A 106 22.86 12.13 17.59
C GLN A 106 22.07 12.96 18.60
N VAL A 107 22.74 13.39 19.64
CA VAL A 107 22.12 14.15 20.71
C VAL A 107 22.40 15.62 20.48
N GLN A 108 21.34 16.42 20.42
CA GLN A 108 21.39 17.82 20.00
C GLN A 108 21.18 18.74 21.19
N THR A 109 22.07 19.71 21.36
CA THR A 109 22.00 20.62 22.50
C THR A 109 21.69 22.03 22.01
N GLU A 110 20.66 22.63 22.60
CA GLU A 110 20.31 24.02 22.35
C GLU A 110 20.99 24.91 23.38
N VAL A 157 20.71 25.61 27.99
CA VAL A 157 20.96 24.40 27.23
C VAL A 157 19.71 23.59 27.18
N LEU A 158 19.59 22.74 26.18
CA LEU A 158 18.55 21.73 26.20
C LEU A 158 19.06 20.55 25.39
N ARG A 159 19.38 19.45 26.07
CA ARG A 159 19.74 18.23 25.36
C ARG A 159 18.49 17.48 24.95
N TYR A 160 18.48 16.98 23.73
CA TYR A 160 17.35 16.26 23.18
C TYR A 160 17.83 15.47 21.98
N TYR A 161 16.98 14.58 21.48
CA TYR A 161 17.26 13.86 20.25
C TYR A 161 15.94 13.44 19.62
N LEU A 162 16.00 13.10 18.34
CA LEU A 162 14.83 12.69 17.56
C LEU A 162 15.02 11.26 17.11
N PHE A 163 14.10 10.39 17.49
CA PHE A 163 14.08 9.00 17.04
C PHE A 163 12.75 8.77 16.33
N GLN A 164 12.80 8.65 15.01
CA GLN A 164 11.62 8.42 14.19
C GLN A 164 10.61 9.56 14.34
N GLY A 165 11.10 10.80 14.26
CA GLY A 165 10.28 11.97 14.32
C GLY A 165 9.86 12.43 15.70
N GLN A 166 10.08 11.61 16.73
CA GLN A 166 9.66 11.94 18.09
C GLN A 166 10.82 12.51 18.87
N ARG A 167 10.54 13.52 19.68
CA ARG A 167 11.56 14.19 20.48
C ARG A 167 11.65 13.55 21.86
N TYR A 168 12.87 13.38 22.34
CA TYR A 168 13.15 12.84 23.67
C TYR A 168 14.06 13.82 24.37
N ILE A 169 13.49 14.75 25.12
CA ILE A 169 14.30 15.74 25.80
C ILE A 169 14.89 15.16 27.07
N TRP A 170 16.07 15.65 27.43
CA TRP A 170 16.80 15.19 28.60
C TRP A 170 16.40 16.01 29.81
N ILE A 171 15.78 15.36 30.79
CA ILE A 171 15.42 16.02 32.05
C ILE A 171 16.58 15.85 33.01
N GLU A 172 17.13 16.97 33.50
CA GLU A 172 18.32 16.92 34.34
C GLU A 172 17.98 16.43 35.74
N THR A 173 16.81 16.81 36.26
CA THR A 173 16.43 16.42 37.61
C THR A 173 16.16 14.91 37.69
N GLN A 174 15.60 14.33 36.63
CA GLN A 174 15.33 12.92 36.59
C GLN A 174 16.44 12.12 35.90
N GLN A 175 17.37 12.81 35.23
CA GLN A 175 18.52 12.17 34.59
C GLN A 175 18.09 11.11 33.58
N ALA A 176 17.24 11.50 32.64
CA ALA A 176 16.79 10.59 31.59
C ALA A 176 16.26 11.39 30.40
N PHE A 177 16.28 10.76 29.24
CA PHE A 177 15.71 11.32 28.02
C PHE A 177 14.23 10.96 27.98
N TYR A 178 13.38 11.89 28.40
CA TYR A 178 11.94 11.69 28.41
C TYR A 178 11.34 12.15 27.09
N GLN A 179 10.44 11.34 26.55
CA GLN A 179 9.73 11.72 25.33
C GLN A 179 8.80 12.89 25.59
N VAL A 180 8.73 13.81 24.63
CA VAL A 180 7.93 15.02 24.83
C VAL A 180 6.44 14.73 24.73
N SER A 181 6.08 13.58 24.16
CA SER A 181 4.66 13.20 24.10
C SER A 181 4.07 13.00 25.49
N LEU A 182 4.91 12.71 26.47
CA LEU A 182 4.46 12.39 27.81
C LEU A 182 4.62 13.54 28.80
N LEU A 183 4.99 14.74 28.34
CA LEU A 183 5.33 15.82 29.26
C LEU A 183 4.12 16.31 30.03
N ASP A 184 3.00 16.54 29.34
CA ASP A 184 1.77 16.99 29.99
C ASP A 184 0.70 15.89 29.94
N HIS A 185 1.12 14.64 30.05
CA HIS A 185 0.20 13.53 30.03
C HIS A 185 -0.52 13.42 31.38
N GLY A 186 -1.83 13.21 31.32
CA GLY A 186 -2.61 13.04 32.52
C GLY A 186 -2.95 14.32 33.25
N ARG A 187 -2.92 15.47 32.57
CA ARG A 187 -3.30 16.71 33.22
C ARG A 187 -4.80 16.94 33.06
N SER A 188 -5.40 17.57 34.07
CA SER A 188 -6.84 17.58 34.21
C SER A 188 -7.49 18.47 33.15
N CYS A 189 -8.81 18.37 33.07
CA CYS A 189 -9.58 19.23 32.17
C CYS A 189 -9.59 20.68 32.66
N ASP A 190 -9.47 20.88 33.97
CA ASP A 190 -9.29 22.23 34.49
C ASP A 190 -7.92 22.78 34.13
N ASP A 191 -6.91 21.92 34.06
CA ASP A 191 -5.60 22.35 33.58
C ASP A 191 -5.69 22.84 32.14
N VAL A 192 -6.46 22.15 31.30
CA VAL A 192 -6.67 22.60 29.93
C VAL A 192 -7.46 23.89 29.91
N HIS A 193 -8.46 24.02 30.78
CA HIS A 193 -9.29 25.22 30.78
C HIS A 193 -8.53 26.45 31.26
N ARG A 194 -7.57 26.28 32.17
CA ARG A 194 -6.77 27.42 32.62
C ARG A 194 -5.88 27.96 31.52
N SER A 195 -5.65 27.18 30.46
CA SER A 195 -4.88 27.64 29.31
C SER A 195 -5.66 28.50 28.35
N ARG A 196 -6.92 28.82 28.67
CA ARG A 196 -7.76 29.59 27.75
C ARG A 196 -7.30 31.04 27.61
N HIS A 197 -6.50 31.54 28.54
CA HIS A 197 -6.03 32.91 28.44
C HIS A 197 -4.79 33.04 27.58
N GLY A 198 -4.18 31.93 27.19
CA GLY A 198 -3.09 31.93 26.25
C GLY A 198 -1.78 31.52 26.88
N LEU A 199 -0.71 31.75 26.13
CA LEU A 199 0.64 31.42 26.54
C LEU A 199 1.54 32.62 26.23
N SER A 200 2.31 33.05 27.21
CA SER A 200 3.16 34.22 27.04
C SER A 200 4.26 33.93 26.02
N LEU A 201 5.03 34.97 25.70
CA LEU A 201 6.10 34.81 24.71
C LEU A 201 7.27 34.04 25.31
N GLN A 202 7.59 34.28 26.59
CA GLN A 202 8.62 33.50 27.24
C GLN A 202 8.23 32.03 27.33
N ASP A 203 6.99 31.78 27.71
CA ASP A 203 6.48 30.42 27.77
C ASP A 203 6.45 29.78 26.39
N GLN A 204 6.00 30.51 25.38
CA GLN A 204 5.98 29.96 24.03
C GLN A 204 7.39 29.64 23.54
N MET A 205 8.37 30.47 23.91
CA MET A 205 9.73 30.22 23.45
C MET A 205 10.34 29.00 24.13
N VAL A 206 10.12 28.85 25.44
CA VAL A 206 10.65 27.66 26.11
C VAL A 206 9.93 26.41 25.62
N ARG A 207 8.63 26.51 25.34
CA ARG A 207 7.89 25.35 24.86
C ARG A 207 8.21 25.03 23.42
N LYS A 208 8.66 26.00 22.63
CA LYS A 208 9.14 25.69 21.29
C LYS A 208 10.54 25.10 21.31
N ALA A 209 11.38 25.54 22.25
CA ALA A 209 12.64 24.85 22.49
C ALA A 209 12.41 23.40 22.84
N ILE A 210 11.44 23.13 23.70
CA ILE A 210 11.17 21.76 24.15
C ILE A 210 10.52 20.95 23.03
N TYR A 211 9.34 21.38 22.57
CA TYR A 211 8.54 20.60 21.64
C TYR A 211 8.99 20.74 20.20
N GLY A 212 9.61 21.86 19.83
CA GLY A 212 9.96 22.11 18.46
C GLY A 212 8.88 22.86 17.74
N PRO A 213 9.05 23.09 16.43
CA PRO A 213 8.02 23.77 15.65
C PRO A 213 6.86 22.85 15.32
N ASN A 214 5.69 23.46 15.13
CA ASN A 214 4.47 22.72 14.78
C ASN A 214 4.51 22.41 13.29
N VAL A 215 5.44 21.53 12.92
CA VAL A 215 5.59 21.08 11.55
C VAL A 215 5.84 19.57 11.56
N ILE A 216 5.37 18.92 10.51
CA ILE A 216 5.74 17.54 10.22
C ILE A 216 6.85 17.63 9.18
N SER A 217 8.08 17.49 9.61
CA SER A 217 9.28 17.62 8.79
C SER A 217 9.71 16.29 8.27
N ILE A 218 9.57 16.09 6.97
CA ILE A 218 9.95 14.85 6.31
C ILE A 218 11.30 15.05 5.65
N PRO A 219 12.29 14.19 5.92
CA PRO A 219 13.63 14.40 5.37
C PRO A 219 13.70 13.95 3.91
N VAL A 220 14.25 14.81 3.07
CA VAL A 220 14.52 14.50 1.67
C VAL A 220 16.04 14.37 1.54
N LYS A 221 16.51 13.14 1.43
CA LYS A 221 17.95 12.88 1.40
C LYS A 221 18.56 13.37 0.09
N SER A 222 19.85 13.70 0.15
CA SER A 222 20.58 14.08 -1.04
C SER A 222 20.88 12.85 -1.89
N TYR A 223 21.17 13.08 -3.16
CA TYR A 223 21.47 11.97 -4.07
C TYR A 223 22.65 11.13 -3.62
N PRO A 224 23.75 11.68 -3.08
CA PRO A 224 24.78 10.80 -2.49
C PRO A 224 24.30 10.04 -1.27
N GLN A 225 23.61 10.74 -0.38
CA GLN A 225 23.06 10.12 0.82
C GLN A 225 22.03 9.06 0.46
N LEU A 226 21.29 9.28 -0.62
CA LEU A 226 20.31 8.29 -1.06
C LEU A 226 20.97 7.13 -1.78
N LEU A 227 22.06 7.39 -2.50
CA LEU A 227 22.78 6.35 -3.22
C LEU A 227 23.51 5.40 -2.28
N VAL A 228 24.08 5.93 -1.19
CA VAL A 228 24.76 5.05 -0.23
C VAL A 228 23.89 3.96 0.29
N ASP A 229 22.58 4.15 0.29
CA ASP A 229 21.67 3.11 0.75
C ASP A 229 21.45 2.04 -0.31
N GLU A 230 21.10 2.45 -1.53
CA GLU A 230 20.81 1.49 -2.60
C GLU A 230 22.04 0.90 -3.23
N ALA A 231 22.94 1.76 -3.71
CA ALA A 231 24.11 1.29 -4.44
C ALA A 231 24.99 0.38 -3.61
N LEU A 232 24.87 0.40 -2.28
CA LEU A 232 25.61 -0.52 -1.43
C LEU A 232 24.86 -1.84 -1.23
N ASN A 233 23.93 -2.17 -2.12
CA ASN A 233 23.37 -3.52 -2.17
C ASN A 233 24.50 -4.51 -2.40
N PRO A 234 24.48 -5.68 -1.76
CA PRO A 234 25.53 -6.67 -2.02
C PRO A 234 25.60 -7.10 -3.47
N TYR A 235 24.45 -7.13 -4.14
CA TYR A 235 24.45 -7.54 -5.53
C TYR A 235 25.19 -6.52 -6.38
N TYR A 236 24.94 -5.24 -6.14
CA TYR A 236 25.64 -4.21 -6.90
C TYR A 236 27.14 -4.31 -6.67
N GLY A 237 27.57 -4.71 -5.48
CA GLY A 237 28.98 -4.99 -5.26
C GLY A 237 29.47 -6.16 -6.08
N PHE A 238 28.66 -7.22 -6.17
CA PHE A 238 29.04 -8.36 -7.01
C PHE A 238 29.12 -7.95 -8.48
N GLN A 239 28.19 -7.10 -8.93
CA GLN A 239 28.24 -6.62 -10.31
C GLN A 239 29.48 -5.76 -10.54
N ALA A 240 29.86 -4.93 -9.56
CA ALA A 240 31.07 -4.13 -9.72
C ALA A 240 32.30 -5.03 -9.79
N PHE A 241 32.35 -6.06 -8.96
CA PHE A 241 33.45 -7.02 -9.02
C PHE A 241 33.50 -7.71 -10.37
N SER A 242 32.34 -8.11 -10.90
CA SER A 242 32.31 -8.77 -12.20
C SER A 242 32.74 -7.84 -13.32
N ILE A 243 32.31 -6.59 -13.27
CA ILE A 243 32.72 -5.62 -14.29
C ILE A 243 34.23 -5.38 -14.23
N ALA A 244 34.78 -5.23 -13.03
CA ALA A 244 36.22 -5.06 -12.90
C ALA A 244 36.97 -6.28 -13.43
N LEU A 245 36.44 -7.48 -13.17
CA LEU A 245 37.06 -8.69 -13.67
C LEU A 245 37.02 -8.74 -15.20
N TRP A 246 35.87 -8.41 -15.79
CA TRP A 246 35.74 -8.45 -17.24
C TRP A 246 36.60 -7.38 -17.91
N LEU A 247 36.82 -6.25 -17.24
CA LEU A 247 37.75 -5.26 -17.77
C LEU A 247 39.18 -5.74 -17.64
N ALA A 248 39.50 -6.48 -16.58
CA ALA A 248 40.80 -7.12 -16.48
C ALA A 248 40.97 -8.26 -17.48
N ASP A 249 39.88 -8.78 -18.03
CA ASP A 249 39.91 -9.93 -18.92
C ASP A 249 39.60 -9.58 -20.36
N HIS A 250 39.53 -8.29 -20.70
CA HIS A 250 39.27 -7.84 -22.06
C HIS A 250 37.91 -8.32 -22.55
N TYR A 251 36.90 -8.16 -21.68
CA TYR A 251 35.54 -8.56 -21.96
C TYR A 251 34.67 -7.31 -21.93
N TYR A 252 35.12 -6.29 -22.67
CA TYR A 252 34.68 -4.91 -22.47
C TYR A 252 33.20 -4.71 -22.79
N TRP A 253 32.68 -5.41 -23.79
CA TRP A 253 31.35 -5.09 -24.29
C TRP A 253 30.25 -5.54 -23.34
N TYR A 254 30.36 -6.76 -22.80
CA TYR A 254 29.37 -7.20 -21.84
C TYR A 254 29.50 -6.47 -20.52
N ALA A 255 30.74 -6.13 -20.13
CA ALA A 255 30.94 -5.28 -18.97
C ALA A 255 30.26 -3.93 -19.17
N LEU A 256 30.37 -3.35 -20.36
CA LEU A 256 29.71 -2.09 -20.63
C LEU A 256 28.19 -2.22 -20.59
N CYS A 257 27.65 -3.30 -21.14
CA CYS A 257 26.22 -3.54 -21.08
C CYS A 257 25.73 -3.63 -19.64
N ILE A 258 26.40 -4.45 -18.84
CA ILE A 258 25.99 -4.62 -17.44
C ILE A 258 26.14 -3.31 -16.67
N PHE A 259 27.22 -2.58 -16.93
CA PHE A 259 27.44 -1.31 -16.25
C PHE A 259 26.35 -0.30 -16.60
N LEU A 260 26.00 -0.20 -17.89
CA LEU A 260 24.95 0.72 -18.29
C LEU A 260 23.62 0.34 -17.66
N ILE A 261 23.28 -0.94 -17.65
CA ILE A 261 22.02 -1.38 -17.05
C ILE A 261 21.99 -1.03 -15.57
N SER A 262 23.05 -1.37 -14.84
CA SER A 262 23.09 -1.10 -13.40
C SER A 262 23.06 0.38 -13.10
N SER A 263 23.80 1.18 -13.88
CA SER A 263 23.85 2.62 -13.64
C SER A 263 22.49 3.28 -13.90
N ILE A 264 21.84 2.92 -15.00
CA ILE A 264 20.53 3.49 -15.29
C ILE A 264 19.51 3.04 -14.25
N SER A 265 19.60 1.80 -13.79
CA SER A 265 18.70 1.33 -12.75
C SER A 265 18.90 2.10 -11.45
N ILE A 266 20.16 2.33 -11.06
CA ILE A 266 20.44 3.06 -9.84
C ILE A 266 19.97 4.51 -9.95
N CYS A 267 20.20 5.13 -11.10
CA CYS A 267 19.77 6.51 -11.30
C CYS A 267 18.25 6.63 -11.26
N LEU A 268 17.55 5.68 -11.88
CA LEU A 268 16.10 5.69 -11.84
C LEU A 268 15.58 5.49 -10.42
N SER A 269 16.19 4.57 -9.67
CA SER A 269 15.77 4.36 -8.30
C SER A 269 15.99 5.60 -7.45
N LEU A 270 17.14 6.26 -7.60
CA LEU A 270 17.41 7.48 -6.86
C LEU A 270 16.40 8.56 -7.19
N TYR A 271 16.13 8.76 -8.49
CA TYR A 271 15.16 9.77 -8.89
C TYR A 271 13.78 9.48 -8.32
N LYS A 272 13.35 8.22 -8.41
CA LYS A 272 12.02 7.85 -7.90
C LYS A 272 11.93 8.09 -6.40
N THR A 273 12.95 7.66 -5.64
CA THR A 273 12.91 7.81 -4.20
C THR A 273 12.90 9.28 -3.79
N ARG A 274 13.76 10.09 -4.41
CA ARG A 274 13.81 11.51 -4.07
C ARG A 274 12.53 12.21 -4.46
N LYS A 275 11.94 11.85 -5.60
CA LYS A 275 10.70 12.49 -6.03
C LYS A 275 9.55 12.10 -5.11
N GLN A 276 9.50 10.85 -4.66
CA GLN A 276 8.48 10.44 -3.72
C GLN A 276 8.64 11.15 -2.39
N SER A 277 9.88 11.32 -1.93
CA SER A 277 10.12 12.06 -0.69
C SER A 277 9.67 13.51 -0.82
N GLN A 278 10.00 14.17 -1.93
CA GLN A 278 9.58 15.55 -2.13
C GLN A 278 8.06 15.65 -2.21
N THR A 279 7.41 14.70 -2.86
CA THR A 279 5.96 14.72 -2.97
C THR A 279 5.30 14.55 -1.61
N LEU A 280 5.81 13.63 -0.80
CA LEU A 280 5.26 13.45 0.54
C LEU A 280 5.49 14.67 1.41
N ARG A 281 6.66 15.30 1.27
CA ARG A 281 6.94 16.52 2.02
C ARG A 281 5.99 17.65 1.63
N ASP A 282 5.72 17.80 0.34
CA ASP A 282 4.76 18.81 -0.09
C ASP A 282 3.34 18.45 0.35
N MET A 283 3.05 17.15 0.49
CA MET A 283 1.74 16.71 0.93
C MET A 283 1.48 17.06 2.39
N VAL A 284 2.43 16.74 3.27
CA VAL A 284 2.22 16.95 4.69
C VAL A 284 2.47 18.37 5.14
N LYS A 285 3.00 19.22 4.28
CA LYS A 285 3.28 20.60 4.66
C LYS A 285 2.00 21.37 4.86
N LEU A 286 1.91 22.08 5.99
CA LEU A 286 0.77 22.94 6.30
C LEU A 286 1.29 24.26 6.83
N SER A 287 1.17 25.32 6.03
CA SER A 287 1.57 26.66 6.42
C SER A 287 0.36 27.56 6.37
N MET A 288 0.01 28.16 7.51
CA MET A 288 -1.16 29.01 7.60
C MET A 288 -0.99 29.93 8.80
N ARG A 289 -1.65 31.09 8.72
CA ARG A 289 -1.63 32.05 9.81
C ARG A 289 -2.73 31.74 10.80
N VAL A 290 -2.39 31.67 12.08
CA VAL A 290 -3.33 31.36 13.13
C VAL A 290 -3.33 32.49 14.15
N CYS A 291 -4.46 32.67 14.82
CA CYS A 291 -4.61 33.67 15.87
C CYS A 291 -4.53 32.97 17.22
N VAL A 292 -3.56 33.37 18.04
CA VAL A 292 -3.37 32.81 19.36
C VAL A 292 -3.65 33.87 20.40
N CYS A 293 -4.24 33.47 21.52
CA CYS A 293 -4.42 34.37 22.64
C CYS A 293 -3.12 34.51 23.41
N ARG A 294 -2.83 35.73 23.86
CA ARG A 294 -1.69 36.00 24.70
C ARG A 294 -2.16 36.56 26.02
N PRO A 295 -1.58 36.11 27.14
CA PRO A 295 -2.01 36.62 28.45
C PRO A 295 -1.95 38.14 28.50
N GLY A 296 -2.98 38.72 29.12
CA GLY A 296 -3.17 40.15 29.11
C GLY A 296 -4.34 40.61 28.25
N GLY A 297 -5.02 39.69 27.58
CA GLY A 297 -6.16 40.02 26.75
C GLY A 297 -5.85 40.17 25.28
N GLU A 298 -4.57 40.22 24.89
CA GLU A 298 -4.22 40.47 23.51
C GLU A 298 -4.40 39.21 22.67
N GLU A 299 -4.23 39.38 21.35
CA GLU A 299 -4.25 38.29 20.39
C GLU A 299 -3.18 38.56 19.36
N GLU A 300 -2.50 37.51 18.92
CA GLU A 300 -1.38 37.64 18.02
C GLU A 300 -1.54 36.67 16.85
N TRP A 301 -1.35 37.17 15.64
CA TRP A 301 -1.35 36.34 14.45
C TRP A 301 0.06 35.81 14.22
N VAL A 302 0.19 34.48 14.21
CA VAL A 302 1.47 33.81 14.07
C VAL A 302 1.32 32.74 12.99
N ASP A 303 2.46 32.23 12.54
CA ASP A 303 2.45 31.05 11.69
C ASP A 303 2.01 29.83 12.49
N SER A 304 1.37 28.89 11.81
CA SER A 304 0.90 27.68 12.48
C SER A 304 2.06 26.88 13.06
N SER A 305 3.28 27.09 12.57
CA SER A 305 4.45 26.39 13.10
C SER A 305 4.88 26.94 14.45
N GLU A 306 4.46 28.14 14.81
CA GLU A 306 4.73 28.71 16.12
C GLU A 306 3.82 28.16 17.21
N LEU A 307 2.94 27.22 16.88
CA LEU A 307 2.01 26.67 17.84
C LEU A 307 2.71 25.63 18.71
N VAL A 308 2.58 25.78 20.03
CA VAL A 308 3.12 24.82 20.97
C VAL A 308 1.97 24.35 21.87
N PRO A 309 2.09 23.16 22.46
CA PRO A 309 1.10 22.75 23.44
C PRO A 309 0.98 23.78 24.55
N GLY A 310 -0.27 24.21 24.81
CA GLY A 310 -0.55 25.24 25.78
C GLY A 310 -0.98 26.56 25.18
N ASP A 311 -0.75 26.78 23.89
CA ASP A 311 -1.31 27.94 23.21
C ASP A 311 -2.83 27.82 23.13
N CYS A 312 -3.49 28.97 23.13
CA CYS A 312 -4.93 29.05 22.97
C CYS A 312 -5.22 29.57 21.56
N LEU A 313 -5.73 28.70 20.70
CA LEU A 313 -6.10 29.08 19.36
C LEU A 313 -7.43 29.83 19.35
N VAL A 314 -7.49 30.87 18.53
CA VAL A 314 -8.74 31.56 18.22
C VAL A 314 -9.23 30.99 16.90
N LEU A 315 -10.29 30.21 16.96
CA LEU A 315 -10.78 29.54 15.77
C LEU A 315 -11.63 30.50 14.93
N PRO A 316 -11.42 30.53 13.61
CA PRO A 316 -12.22 31.40 12.77
C PRO A 316 -13.66 30.92 12.68
N GLN A 317 -14.60 31.87 12.73
CA GLN A 317 -16.00 31.52 12.64
C GLN A 317 -16.34 30.91 11.28
N GLU A 318 -15.67 31.35 10.23
CA GLU A 318 -15.92 30.83 8.89
C GLU A 318 -15.33 29.45 8.65
N GLY A 319 -14.51 28.96 9.57
CA GLY A 319 -13.93 27.64 9.44
C GLY A 319 -12.55 27.68 8.81
N GLY A 320 -12.02 26.49 8.60
CA GLY A 320 -10.72 26.33 7.99
C GLY A 320 -10.07 25.04 8.43
N LEU A 321 -8.89 24.79 7.89
CA LEU A 321 -8.14 23.61 8.26
C LEU A 321 -7.57 23.74 9.66
N MET A 322 -7.54 22.64 10.39
CA MET A 322 -7.08 22.64 11.77
C MET A 322 -5.56 22.48 11.80
N PRO A 323 -4.80 23.44 12.34
CA PRO A 323 -3.35 23.39 12.23
C PRO A 323 -2.67 22.47 13.23
N CYS A 324 -3.37 21.98 14.23
CA CYS A 324 -2.78 21.14 15.27
C CYS A 324 -3.92 20.41 15.99
N ASP A 325 -3.53 19.58 16.96
CA ASP A 325 -4.50 18.99 17.86
C ASP A 325 -4.83 19.97 18.97
N ALA A 326 -6.12 20.11 19.28
CA ALA A 326 -6.55 21.06 20.28
C ALA A 326 -7.79 20.54 20.98
N ALA A 327 -8.10 21.14 22.13
CA ALA A 327 -9.32 20.86 22.88
C ALA A 327 -10.15 22.13 22.96
N LEU A 328 -11.42 22.04 22.56
CA LEU A 328 -12.32 23.17 22.70
C LEU A 328 -12.58 23.47 24.17
N VAL A 329 -12.32 24.71 24.57
CA VAL A 329 -12.66 25.17 25.90
C VAL A 329 -13.78 26.20 25.88
N ALA A 330 -14.02 26.87 24.76
CA ALA A 330 -15.12 27.81 24.61
C ALA A 330 -15.71 27.67 23.22
N GLY A 331 -17.03 27.54 23.15
CA GLY A 331 -17.73 27.49 21.89
C GLY A 331 -17.96 26.09 21.37
N GLU A 332 -18.48 26.03 20.14
CA GLU A 332 -18.78 24.78 19.47
C GLU A 332 -18.32 24.86 18.02
N CYS A 333 -18.12 23.70 17.41
CA CYS A 333 -17.59 23.62 16.07
C CYS A 333 -18.30 22.52 15.29
N MET A 334 -18.33 22.68 13.97
CA MET A 334 -18.73 21.64 13.04
C MET A 334 -17.53 21.30 12.19
N VAL A 335 -17.13 20.03 12.19
CA VAL A 335 -15.85 19.61 11.64
C VAL A 335 -16.09 18.54 10.58
N ASN A 336 -15.34 18.63 9.48
CA ASN A 336 -15.25 17.57 8.48
C ASN A 336 -14.04 16.72 8.83
N GLU A 337 -14.28 15.53 9.40
CA GLU A 337 -13.23 14.65 9.89
C GLU A 337 -12.91 13.54 8.90
N SER A 338 -13.09 13.78 7.60
CA SER A 338 -12.84 12.77 6.60
C SER A 338 -11.38 12.35 6.57
N SER A 339 -10.47 13.25 6.94
CA SER A 339 -9.05 12.91 6.96
C SER A 339 -8.74 11.85 8.02
N LEU A 340 -9.61 11.67 8.99
CA LEU A 340 -9.46 10.65 10.01
C LEU A 340 -10.39 9.46 9.80
N THR A 341 -11.63 9.71 9.38
CA THR A 341 -12.64 8.66 9.26
C THR A 341 -12.97 8.30 7.83
N GLY A 342 -12.70 9.18 6.88
CA GLY A 342 -13.13 8.99 5.52
C GLY A 342 -14.55 9.45 5.22
N GLU A 343 -15.22 10.03 6.21
CA GLU A 343 -16.61 10.46 6.08
C GLU A 343 -16.68 11.97 6.14
N SER A 344 -17.40 12.56 5.18
CA SER A 344 -17.53 14.00 5.10
C SER A 344 -18.68 14.54 5.93
N ILE A 345 -19.39 13.69 6.68
CA ILE A 345 -20.51 14.16 7.49
C ILE A 345 -19.99 15.15 8.54
N PRO A 346 -20.70 16.25 8.82
CA PRO A 346 -20.22 17.19 9.82
C PRO A 346 -20.30 16.61 11.22
N VAL A 347 -19.20 16.71 11.96
CA VAL A 347 -19.12 16.23 13.33
C VAL A 347 -19.17 17.44 14.26
N LEU A 348 -20.06 17.37 15.25
CA LEU A 348 -20.19 18.45 16.21
C LEU A 348 -19.18 18.29 17.34
N LYS A 349 -18.39 19.34 17.57
CA LYS A 349 -17.42 19.38 18.65
C LYS A 349 -17.86 20.43 19.66
N THR A 350 -17.97 20.04 20.92
CA THR A 350 -18.41 20.92 21.99
C THR A 350 -17.26 21.17 22.95
N ALA A 351 -17.38 22.25 23.72
CA ALA A 351 -16.34 22.65 24.65
C ALA A 351 -16.08 21.56 25.67
N LEU A 352 -14.82 21.46 26.09
CA LEU A 352 -14.44 20.47 27.08
C LEU A 352 -15.17 20.71 28.39
N PRO A 353 -15.56 19.66 29.11
CA PRO A 353 -16.15 19.87 30.44
C PRO A 353 -15.08 20.14 31.48
N GLU A 354 -15.40 21.05 32.41
CA GLU A 354 -14.46 21.43 33.46
C GLU A 354 -14.53 20.41 34.59
N GLY A 355 -13.51 19.58 34.71
CA GLY A 355 -13.42 18.63 35.80
C GLY A 355 -11.98 18.38 36.18
N LEU A 356 -11.79 17.78 37.36
CA LEU A 356 -10.47 17.41 37.82
C LEU A 356 -10.11 15.99 37.40
N GLY A 357 -10.26 15.71 36.11
CA GLY A 357 -9.90 14.44 35.54
C GLY A 357 -9.02 14.62 34.33
N PRO A 358 -8.10 13.69 34.11
CA PRO A 358 -7.11 13.88 33.05
C PRO A 358 -7.76 13.98 31.68
N TYR A 359 -7.38 15.00 30.92
CA TYR A 359 -7.86 15.15 29.56
C TYR A 359 -7.32 14.02 28.70
N CYS A 360 -8.21 13.42 27.91
CA CYS A 360 -7.85 12.30 27.07
C CYS A 360 -8.43 12.52 25.67
N ALA A 361 -7.60 12.29 24.65
CA ALA A 361 -8.02 12.56 23.28
C ALA A 361 -9.07 11.56 22.81
N GLU A 362 -9.10 10.36 23.38
CA GLU A 362 -10.11 9.38 23.05
C GLU A 362 -11.35 9.48 23.92
N THR A 363 -11.16 9.74 25.22
CA THR A 363 -12.32 9.97 26.09
C THR A 363 -13.06 11.24 25.69
N HIS A 364 -12.32 12.31 25.43
CA HIS A 364 -12.87 13.61 25.04
C HIS A 364 -12.74 13.85 23.55
N ARG A 365 -12.93 12.80 22.74
CA ARG A 365 -12.81 12.94 21.29
C ARG A 365 -13.83 13.93 20.73
N ARG A 366 -14.99 14.06 21.36
CA ARG A 366 -16.00 15.00 20.89
C ARG A 366 -15.72 16.42 21.32
N HIS A 367 -14.64 16.65 22.08
CA HIS A 367 -14.20 17.99 22.44
C HIS A 367 -12.82 18.29 21.88
N THR A 368 -12.29 17.43 21.03
CA THR A 368 -10.93 17.53 20.52
C THR A 368 -10.96 17.86 19.04
N LEU A 369 -10.15 18.84 18.63
CA LEU A 369 -9.98 19.20 17.24
C LEU A 369 -8.66 18.66 16.76
N PHE A 370 -8.69 17.81 15.75
CA PHE A 370 -7.53 17.09 15.28
C PHE A 370 -6.90 17.79 14.08
N CYS A 371 -5.57 17.70 14.00
CA CYS A 371 -4.83 18.33 12.93
C CYS A 371 -5.21 17.73 11.58
N GLY A 372 -5.38 18.58 10.58
CA GLY A 372 -5.73 18.15 9.26
C GLY A 372 -7.22 18.10 8.97
N THR A 373 -8.06 18.04 9.99
CA THR A 373 -9.49 18.04 9.77
C THR A 373 -9.97 19.44 9.45
N LEU A 374 -11.11 19.52 8.76
CA LEU A 374 -11.63 20.76 8.23
C LEU A 374 -12.76 21.25 9.12
N ILE A 375 -12.62 22.45 9.66
CA ILE A 375 -13.67 23.08 10.45
C ILE A 375 -14.64 23.76 9.49
N LEU A 376 -15.91 23.39 9.55
CA LEU A 376 -16.89 23.95 8.64
C LEU A 376 -17.40 25.29 9.14
N GLN A 377 -17.69 25.40 10.43
CA GLN A 377 -18.09 26.65 11.04
C GLN A 377 -17.97 26.52 12.54
N ALA A 378 -17.73 27.64 13.21
CA ALA A 378 -17.50 27.67 14.64
C ALA A 378 -18.41 28.70 15.28
N ARG A 379 -19.06 28.32 16.37
CA ARG A 379 -19.99 29.20 17.07
C ARG A 379 -19.41 29.57 18.43
N ALA A 380 -19.54 30.85 18.78
CA ALA A 380 -19.11 31.37 20.07
C ALA A 380 -20.36 31.81 20.82
N TYR A 381 -20.94 30.88 21.60
CA TYR A 381 -22.16 31.19 22.32
C TYR A 381 -21.88 32.12 23.50
N VAL A 382 -20.90 31.78 24.32
CA VAL A 382 -20.44 32.64 25.40
C VAL A 382 -19.06 33.18 25.04
N GLY A 383 -18.86 34.47 25.26
CA GLY A 383 -17.63 35.11 24.92
C GLY A 383 -17.58 35.56 23.47
N PRO A 384 -16.54 36.29 23.09
CA PRO A 384 -16.48 36.81 21.72
C PRO A 384 -16.18 35.76 20.67
N HIS A 385 -15.24 34.85 20.95
CA HIS A 385 -14.70 33.98 19.92
C HIS A 385 -14.49 32.57 20.45
N VAL A 386 -14.28 31.64 19.53
CA VAL A 386 -14.17 30.22 19.86
C VAL A 386 -12.72 29.91 20.24
N LEU A 387 -12.54 29.21 21.35
CA LEU A 387 -11.24 28.97 21.93
C LEU A 387 -10.93 27.48 21.94
N ALA A 388 -9.74 27.12 21.49
CA ALA A 388 -9.22 25.77 21.59
C ALA A 388 -7.80 25.82 22.11
N VAL A 389 -7.48 24.94 23.04
CA VAL A 389 -6.17 24.90 23.68
C VAL A 389 -5.33 23.84 22.98
N VAL A 390 -4.17 24.24 22.48
CA VAL A 390 -3.30 23.34 21.74
C VAL A 390 -2.78 22.26 22.67
N THR A 391 -2.95 21.01 22.27
CA THR A 391 -2.53 19.87 23.07
C THR A 391 -1.37 19.10 22.45
N ARG A 392 -1.36 18.93 21.13
CA ARG A 392 -0.32 18.18 20.43
C ARG A 392 0.05 18.91 19.15
N THR A 393 1.35 18.98 18.86
CA THR A 393 1.86 19.59 17.65
C THR A 393 2.87 18.66 16.98
N GLY A 394 3.23 19.01 15.75
CA GLY A 394 4.29 18.28 15.06
C GLY A 394 3.91 16.84 14.80
N PHE A 395 4.81 15.93 15.17
CA PHE A 395 4.58 14.51 15.03
C PHE A 395 3.71 13.93 16.13
N CYS A 396 3.43 14.69 17.18
CA CYS A 396 2.60 14.20 18.28
C CYS A 396 1.12 14.23 17.95
N THR A 397 0.72 14.83 16.83
CA THR A 397 -0.66 14.82 16.40
C THR A 397 -1.03 13.46 15.83
N ALA A 398 -2.33 13.19 15.76
CA ALA A 398 -2.80 11.96 15.14
C ALA A 398 -2.36 11.88 13.68
N LYS A 399 -2.47 12.99 12.95
CA LYS A 399 -1.92 13.06 11.60
C LYS A 399 -0.40 12.86 11.63
N GLY A 400 0.27 13.41 12.64
CA GLY A 400 1.70 13.20 12.77
C GLY A 400 2.05 11.76 13.02
N GLY A 401 1.23 11.05 13.81
CA GLY A 401 1.45 9.64 14.02
C GLY A 401 1.23 8.83 12.76
N LEU A 402 0.22 9.18 11.99
CA LEU A 402 0.00 8.52 10.70
C LEU A 402 1.19 8.74 9.77
N VAL A 403 1.69 9.96 9.70
CA VAL A 403 2.82 10.26 8.83
C VAL A 403 4.06 9.52 9.31
N SER A 404 4.23 9.39 10.63
CA SER A 404 5.38 8.65 11.15
C SER A 404 5.29 7.18 10.86
N SER A 405 4.09 6.62 10.92
CA SER A 405 3.91 5.22 10.51
C SER A 405 4.22 5.05 9.04
N ILE A 406 3.82 6.02 8.21
CA ILE A 406 4.16 5.97 6.79
C ILE A 406 5.67 6.03 6.59
N LEU A 407 6.36 6.86 7.37
CA LEU A 407 7.80 7.02 7.21
C LEU A 407 8.55 5.83 7.80
N HIS A 408 8.15 5.37 8.97
CA HIS A 408 8.86 4.30 9.68
C HIS A 408 7.94 3.11 9.87
N PRO A 409 7.89 2.16 8.92
CA PRO A 409 7.08 0.94 9.03
C PRO A 409 7.40 0.12 10.28
N PHE A 416 9.77 -15.45 -2.08
CA PHE A 416 10.24 -15.42 -3.45
C PHE A 416 11.60 -14.75 -3.54
N TYR A 417 11.71 -13.55 -2.96
CA TYR A 417 13.00 -12.88 -2.88
C TYR A 417 13.94 -13.59 -1.91
N LYS A 418 13.39 -14.09 -0.79
CA LYS A 418 14.20 -14.87 0.15
C LYS A 418 14.82 -16.08 -0.54
N HIS A 419 13.98 -16.83 -1.28
CA HIS A 419 14.47 -18.02 -1.95
C HIS A 419 15.38 -17.67 -3.12
N SER A 420 15.15 -16.54 -3.78
CA SER A 420 16.08 -16.08 -4.81
C SER A 420 17.46 -15.82 -4.22
N MET A 421 17.51 -15.17 -3.04
CA MET A 421 18.77 -14.89 -2.40
C MET A 421 19.46 -16.17 -1.94
N LYS A 422 18.70 -17.11 -1.38
CA LYS A 422 19.31 -18.37 -0.96
C LYS A 422 19.82 -19.19 -2.14
N PHE A 423 19.09 -19.16 -3.26
CA PHE A 423 19.56 -19.85 -4.45
C PHE A 423 20.81 -19.18 -5.01
N VAL A 424 20.90 -17.86 -4.91
CA VAL A 424 22.12 -17.18 -5.32
C VAL A 424 23.28 -17.56 -4.40
N ALA A 425 23.02 -17.74 -3.11
CA ALA A 425 24.06 -18.18 -2.19
C ALA A 425 24.52 -19.60 -2.51
N ALA A 426 23.58 -20.47 -2.89
CA ALA A 426 23.96 -21.81 -3.32
C ALA A 426 24.77 -21.77 -4.61
N LEU A 427 24.39 -20.87 -5.53
CA LEU A 427 25.20 -20.65 -6.71
C LEU A 427 26.60 -20.17 -6.34
N SER A 428 26.72 -19.41 -5.25
CA SER A 428 28.02 -18.92 -4.82
C SER A 428 28.88 -20.04 -4.23
N VAL A 429 28.28 -20.95 -3.46
CA VAL A 429 29.07 -22.06 -2.93
C VAL A 429 29.46 -23.02 -4.05
N LEU A 430 28.59 -23.20 -5.04
CA LEU A 430 28.98 -23.94 -6.24
C LEU A 430 30.08 -23.23 -7.00
N ALA A 431 30.06 -21.89 -6.99
CA ALA A 431 31.15 -21.12 -7.58
C ALA A 431 32.45 -21.40 -6.85
N LEU A 432 32.42 -21.48 -5.53
CA LEU A 432 33.62 -21.78 -4.77
C LEU A 432 34.16 -23.18 -5.12
N LEU A 433 33.28 -24.16 -5.20
CA LEU A 433 33.73 -25.52 -5.54
C LEU A 433 34.31 -25.57 -6.96
N GLY A 434 33.60 -24.99 -7.91
CA GLY A 434 34.11 -24.94 -9.28
C GLY A 434 35.38 -24.14 -9.40
N THR A 435 35.56 -23.12 -8.57
CA THR A 435 36.79 -22.35 -8.57
C THR A 435 37.95 -23.17 -8.03
N ILE A 436 37.71 -23.98 -6.99
CA ILE A 436 38.75 -24.87 -6.51
C ILE A 436 39.17 -25.85 -7.60
N TYR A 437 38.19 -26.48 -8.24
CA TYR A 437 38.51 -27.42 -9.32
C TYR A 437 39.22 -26.72 -10.47
N SER A 438 38.80 -25.49 -10.79
CA SER A 438 39.42 -24.73 -11.87
C SER A 438 40.87 -24.40 -11.55
N ILE A 439 41.14 -23.97 -10.32
CA ILE A 439 42.52 -23.71 -9.91
C ILE A 439 43.35 -24.98 -10.04
N PHE A 440 42.80 -26.11 -9.61
CA PHE A 440 43.54 -27.37 -9.69
C PHE A 440 43.89 -27.72 -11.12
N ILE A 441 42.91 -27.70 -12.03
CA ILE A 441 43.18 -28.12 -13.40
C ILE A 441 44.08 -27.12 -14.11
N LEU A 442 43.89 -25.82 -13.86
CA LEU A 442 44.71 -24.83 -14.54
C LEU A 442 46.14 -24.84 -14.03
N TYR A 443 46.37 -25.18 -12.76
CA TYR A 443 47.74 -25.39 -12.31
C TYR A 443 48.32 -26.65 -12.93
N ARG A 444 47.49 -27.70 -13.10
CA ARG A 444 47.93 -28.87 -13.82
C ARG A 444 48.29 -28.51 -15.28
N ASN A 445 47.49 -27.66 -15.90
CA ASN A 445 47.69 -27.27 -17.29
C ASN A 445 48.82 -26.26 -17.49
N ARG A 446 49.60 -25.98 -16.44
CA ARG A 446 50.75 -25.09 -16.50
C ARG A 446 50.37 -23.65 -16.84
N VAL A 447 49.18 -23.23 -16.42
CA VAL A 447 48.71 -21.87 -16.69
C VAL A 447 49.39 -20.91 -15.71
N PRO A 448 49.83 -19.73 -16.16
CA PRO A 448 50.44 -18.77 -15.24
C PRO A 448 49.50 -18.40 -14.09
N LEU A 449 50.09 -17.79 -13.06
CA LEU A 449 49.35 -17.53 -11.84
C LEU A 449 48.26 -16.49 -12.03
N ASN A 450 48.59 -15.37 -12.67
CA ASN A 450 47.59 -14.34 -12.90
C ASN A 450 46.47 -14.84 -13.79
N GLU A 451 46.81 -15.66 -14.78
CA GLU A 451 45.77 -16.22 -15.65
C GLU A 451 44.92 -17.24 -14.89
N ILE A 452 45.52 -18.02 -14.00
CA ILE A 452 44.75 -18.91 -13.15
C ILE A 452 43.75 -18.12 -12.32
N VAL A 453 44.20 -17.02 -11.73
CA VAL A 453 43.32 -16.21 -10.90
C VAL A 453 42.18 -15.64 -11.74
N ILE A 454 42.51 -15.12 -12.93
CA ILE A 454 41.50 -14.54 -13.80
C ILE A 454 40.47 -15.58 -14.20
N ARG A 455 40.91 -16.77 -14.59
CA ARG A 455 39.98 -17.80 -15.03
C ARG A 455 39.10 -18.30 -13.90
N ALA A 456 39.70 -18.56 -12.73
CA ALA A 456 38.93 -19.07 -11.61
C ALA A 456 37.93 -18.03 -11.11
N LEU A 457 38.29 -16.74 -11.17
CA LEU A 457 37.36 -15.71 -10.74
C LEU A 457 36.29 -15.45 -11.79
N ASP A 458 36.62 -15.61 -13.07
CA ASP A 458 35.62 -15.46 -14.12
C ASP A 458 34.60 -16.58 -14.08
N LEU A 459 35.00 -17.76 -13.62
CA LEU A 459 34.04 -18.86 -13.44
C LEU A 459 32.95 -18.47 -12.45
N VAL A 460 33.27 -17.64 -11.47
CA VAL A 460 32.28 -17.21 -10.48
C VAL A 460 31.24 -16.32 -11.13
N THR A 461 31.67 -15.37 -11.96
CA THR A 461 30.73 -14.55 -12.71
C THR A 461 29.95 -15.37 -13.72
N VAL A 462 30.53 -16.47 -14.19
CA VAL A 462 29.82 -17.35 -15.11
C VAL A 462 28.66 -18.03 -14.40
N VAL A 463 28.91 -18.65 -13.26
CA VAL A 463 27.86 -19.42 -12.60
C VAL A 463 26.90 -18.52 -11.82
N VAL A 464 27.35 -17.35 -11.39
CA VAL A 464 26.45 -16.38 -10.76
C VAL A 464 26.20 -15.26 -11.75
N PRO A 465 25.07 -15.25 -12.44
CA PRO A 465 24.87 -14.30 -13.55
C PRO A 465 24.68 -12.88 -13.05
N PRO A 466 25.52 -11.94 -13.50
CA PRO A 466 25.32 -10.54 -13.10
C PRO A 466 24.10 -9.88 -13.72
N ALA A 467 23.52 -10.45 -14.77
CA ALA A 467 22.37 -9.88 -15.45
C ALA A 467 21.05 -10.50 -15.00
N LEU A 468 21.00 -11.10 -13.82
CA LEU A 468 19.79 -11.78 -13.35
C LEU A 468 18.68 -10.82 -12.95
N PRO A 469 18.94 -9.78 -12.13
CA PRO A 469 17.84 -8.90 -11.73
C PRO A 469 17.23 -8.10 -12.86
N ALA A 470 18.02 -7.64 -13.83
CA ALA A 470 17.44 -6.95 -14.98
C ALA A 470 16.50 -7.88 -15.75
N ALA A 471 16.93 -9.13 -15.95
CA ALA A 471 16.06 -10.11 -16.60
C ALA A 471 14.79 -10.35 -15.80
N MET A 472 14.90 -10.34 -14.47
CA MET A 472 13.71 -10.51 -13.63
C MET A 472 12.81 -9.28 -13.69
N THR A 473 13.39 -8.12 -13.95
CA THR A 473 12.64 -6.87 -13.98
C THR A 473 11.94 -6.62 -15.31
N VAL A 474 12.42 -7.20 -16.40
CA VAL A 474 11.81 -6.96 -17.71
C VAL A 474 10.34 -7.33 -17.70
N CYS A 475 9.99 -8.45 -17.05
CA CYS A 475 8.59 -8.87 -17.02
C CYS A 475 7.72 -7.90 -16.24
N THR A 476 8.25 -7.37 -15.14
CA THR A 476 7.52 -6.35 -14.39
C THR A 476 7.39 -5.06 -15.19
N LEU A 477 8.36 -4.76 -16.04
CA LEU A 477 8.23 -3.60 -16.92
C LEU A 477 7.11 -3.80 -17.93
N TYR A 478 7.01 -4.99 -18.51
CA TYR A 478 5.89 -5.29 -19.39
C TYR A 478 4.55 -5.19 -18.66
N ALA A 479 4.47 -5.76 -17.46
CA ALA A 479 3.25 -5.68 -16.67
C ALA A 479 2.89 -4.24 -16.35
N GLN A 480 3.89 -3.43 -16.02
CA GLN A 480 3.66 -2.02 -15.71
C GLN A 480 3.15 -1.26 -16.91
N SER A 481 3.67 -1.55 -18.10
CA SER A 481 3.18 -0.91 -19.31
C SER A 481 1.73 -1.31 -19.57
N ARG A 482 1.41 -2.60 -19.43
CA ARG A 482 0.04 -3.04 -19.60
C ARG A 482 -0.90 -2.39 -18.59
N LEU A 483 -0.46 -2.26 -17.34
CA LEU A 483 -1.29 -1.66 -16.31
C LEU A 483 -1.52 -0.17 -16.59
N ARG A 484 -0.48 0.54 -16.99
CA ARG A 484 -0.63 1.96 -17.34
C ARG A 484 -1.57 2.10 -18.55
N ARG A 485 -1.57 1.14 -19.48
CA ARG A 485 -2.56 1.16 -20.54
C ARG A 485 -3.96 0.96 -20.00
N GLN A 486 -4.09 0.11 -18.97
CA GLN A 486 -5.40 -0.09 -18.35
C GLN A 486 -5.77 1.01 -17.37
N GLY A 487 -4.90 1.99 -17.12
CA GLY A 487 -5.19 3.08 -16.23
C GLY A 487 -4.62 2.95 -14.84
N ILE A 488 -3.85 1.92 -14.56
CA ILE A 488 -3.27 1.68 -13.25
C ILE A 488 -1.79 2.04 -13.30
N PHE A 489 -1.36 2.95 -12.45
CA PHE A 489 -0.01 3.47 -12.46
C PHE A 489 0.76 2.92 -11.28
N CYS A 490 1.87 2.25 -11.56
CA CYS A 490 2.74 1.65 -10.55
C CYS A 490 4.05 2.40 -10.53
N ILE A 491 4.49 2.80 -9.35
CA ILE A 491 5.75 3.51 -9.22
C ILE A 491 6.92 2.54 -9.13
N HIS A 492 6.75 1.42 -8.44
CA HIS A 492 7.79 0.42 -8.30
C HIS A 492 7.37 -0.86 -9.00
N PRO A 493 7.85 -1.14 -10.22
CA PRO A 493 7.31 -2.26 -11.00
C PRO A 493 7.50 -3.62 -10.35
N LEU A 494 8.47 -3.77 -9.44
CA LEU A 494 8.68 -5.05 -8.81
C LEU A 494 7.60 -5.39 -7.80
N ARG A 495 6.83 -4.38 -7.35
CA ARG A 495 5.70 -4.64 -6.47
C ARG A 495 4.58 -5.39 -7.18
N ILE A 496 4.61 -5.42 -8.52
CA ILE A 496 3.57 -6.11 -9.27
C ILE A 496 3.62 -7.60 -8.99
N ASN A 497 4.82 -8.16 -8.77
CA ASN A 497 4.95 -9.58 -8.48
C ASN A 497 4.18 -9.98 -7.22
N LEU A 498 3.98 -9.04 -6.29
CA LEU A 498 3.24 -9.33 -5.08
C LEU A 498 1.76 -9.52 -5.35
N GLY A 499 1.24 -9.04 -6.48
CA GLY A 499 -0.14 -9.28 -6.84
C GLY A 499 -0.46 -10.73 -7.11
N GLY A 500 0.54 -11.53 -7.46
CA GLY A 500 0.34 -12.95 -7.66
C GLY A 500 0.30 -13.75 -6.39
N LYS A 501 0.59 -13.13 -5.26
CA LYS A 501 0.61 -13.80 -3.96
C LYS A 501 -0.57 -13.44 -3.07
N LEU A 502 -1.40 -12.48 -3.47
CA LEU A 502 -2.46 -11.98 -2.61
C LEU A 502 -3.48 -13.07 -2.29
N GLN A 503 -3.74 -13.28 -1.00
CA GLN A 503 -4.82 -14.12 -0.54
C GLN A 503 -5.93 -13.33 0.15
N LEU A 504 -5.74 -12.02 0.34
CA LEU A 504 -6.66 -11.22 1.11
C LEU A 504 -6.52 -9.77 0.67
N VAL A 505 -7.64 -9.11 0.41
CA VAL A 505 -7.66 -7.69 0.05
C VAL A 505 -8.56 -6.96 1.03
N CYS A 506 -8.05 -5.87 1.59
CA CYS A 506 -8.83 -5.00 2.47
C CYS A 506 -9.35 -3.82 1.68
N PHE A 507 -10.58 -3.40 2.00
CA PHE A 507 -11.24 -2.33 1.26
C PHE A 507 -11.73 -1.27 2.21
N ASP A 508 -11.46 -0.01 1.88
CA ASP A 508 -12.22 1.09 2.45
C ASP A 508 -13.63 1.06 1.86
N LYS A 509 -14.61 1.51 2.65
CA LYS A 509 -15.98 1.45 2.18
C LYS A 509 -16.35 2.66 1.30
N THR A 510 -16.30 3.85 1.87
CA THR A 510 -16.82 5.03 1.19
C THR A 510 -15.82 5.50 0.13
N GLY A 511 -16.33 5.79 -1.07
CA GLY A 511 -15.51 6.17 -2.18
C GLY A 511 -14.77 5.04 -2.85
N THR A 512 -14.69 3.87 -2.22
CA THR A 512 -14.02 2.71 -2.77
C THR A 512 -15.00 1.60 -3.13
N LEU A 513 -15.81 1.17 -2.17
CA LEU A 513 -16.87 0.21 -2.43
C LEU A 513 -18.18 0.90 -2.77
N THR A 514 -18.51 1.97 -2.05
CA THR A 514 -19.68 2.78 -2.28
C THR A 514 -19.28 4.10 -2.91
N GLU A 515 -20.28 4.87 -3.31
CA GLU A 515 -20.04 6.17 -3.91
C GLU A 515 -19.52 7.17 -2.89
N ASP A 516 -18.97 8.29 -3.39
CA ASP A 516 -18.46 9.32 -2.50
C ASP A 516 -19.55 9.93 -1.64
N GLY A 517 -20.70 10.23 -2.23
CA GLY A 517 -21.79 10.89 -1.54
C GLY A 517 -23.09 10.10 -1.58
N LEU A 518 -24.08 10.67 -0.93
CA LEU A 518 -25.39 10.04 -0.84
C LEU A 518 -26.19 10.24 -2.11
N ASP A 519 -27.19 9.39 -2.29
CA ASP A 519 -28.14 9.47 -3.37
C ASP A 519 -29.56 9.39 -2.85
N VAL A 520 -30.50 10.02 -3.55
CA VAL A 520 -31.89 10.06 -3.13
C VAL A 520 -32.53 8.71 -3.36
N MET A 521 -32.66 7.92 -2.28
CA MET A 521 -33.31 6.62 -2.40
C MET A 521 -34.82 6.78 -2.53
N GLY A 522 -35.39 7.79 -1.91
CA GLY A 522 -36.80 8.05 -2.06
C GLY A 522 -37.30 9.01 -1.00
N VAL A 523 -38.60 9.23 -1.05
CA VAL A 523 -39.31 10.04 -0.05
C VAL A 523 -40.55 9.27 0.36
N VAL A 524 -40.81 9.20 1.67
CA VAL A 524 -41.92 8.44 2.22
C VAL A 524 -43.06 9.40 2.52
N PRO A 525 -44.09 9.45 1.69
CA PRO A 525 -45.20 10.37 1.93
C PRO A 525 -46.13 9.83 3.02
N LEU A 526 -47.17 10.61 3.31
CA LEU A 526 -48.21 10.21 4.25
C LEU A 526 -49.58 10.53 3.66
N LYS A 527 -50.43 9.52 3.60
CA LYS A 527 -51.85 9.69 3.26
C LYS A 527 -52.66 9.45 4.52
N GLY A 528 -53.28 10.51 5.03
CA GLY A 528 -53.97 10.43 6.30
C GLY A 528 -53.02 10.41 7.48
N GLN A 529 -53.02 9.32 8.24
CA GLN A 529 -52.22 9.21 9.46
C GLN A 529 -51.16 8.12 9.38
N ALA A 530 -51.13 7.36 8.29
CA ALA A 530 -50.22 6.22 8.15
C ALA A 530 -49.24 6.48 7.01
N PHE A 531 -48.10 5.79 7.07
CA PHE A 531 -47.07 5.93 6.05
C PHE A 531 -47.53 5.33 4.73
N LEU A 532 -47.00 5.89 3.64
CA LEU A 532 -47.18 5.40 2.29
C LEU A 532 -45.94 4.64 1.83
N PRO A 533 -46.04 3.88 0.74
CA PRO A 533 -44.84 3.22 0.21
C PRO A 533 -43.78 4.24 -0.21
N LEU A 534 -42.52 3.83 -0.06
CA LEU A 534 -41.41 4.68 -0.44
C LEU A 534 -41.46 5.00 -1.93
N VAL A 535 -41.32 6.28 -2.25
CA VAL A 535 -41.40 6.73 -3.64
C VAL A 535 -40.01 7.04 -4.14
N PRO A 536 -39.42 6.18 -4.98
CA PRO A 536 -38.06 6.43 -5.46
C PRO A 536 -37.92 7.69 -6.29
N GLU A 537 -39.00 8.16 -6.91
CA GLU A 537 -38.98 9.36 -7.74
C GLU A 537 -39.80 10.45 -7.06
N PRO A 538 -39.17 11.31 -6.25
CA PRO A 538 -39.94 12.37 -5.57
C PRO A 538 -40.63 13.34 -6.52
N ARG A 539 -40.10 13.53 -7.73
CA ARG A 539 -40.76 14.40 -8.70
C ARG A 539 -41.96 13.73 -9.35
N ARG A 540 -42.13 12.42 -9.16
CA ARG A 540 -43.33 11.72 -9.60
C ARG A 540 -44.52 11.98 -8.69
N LEU A 541 -44.30 12.62 -7.54
CA LEU A 541 -45.37 12.91 -6.61
C LEU A 541 -46.30 13.97 -7.19
N PRO A 542 -47.54 14.04 -6.71
CA PRO A 542 -48.43 15.13 -7.14
C PRO A 542 -47.93 16.47 -6.64
N VAL A 543 -48.50 17.56 -7.13
CA VAL A 543 -48.08 18.90 -6.73
C VAL A 543 -48.82 19.22 -5.44
N GLY A 544 -48.21 18.86 -4.32
CA GLY A 544 -48.82 19.01 -3.02
C GLY A 544 -47.87 19.62 -2.01
N PRO A 545 -48.20 19.47 -0.73
CA PRO A 545 -47.35 20.07 0.32
C PRO A 545 -45.97 19.46 0.40
N LEU A 546 -45.85 18.13 0.21
CA LEU A 546 -44.56 17.48 0.43
C LEU A 546 -43.59 17.75 -0.70
N LEU A 547 -44.09 17.83 -1.94
CA LEU A 547 -43.21 18.17 -3.06
C LEU A 547 -42.62 19.55 -2.90
N ARG A 548 -43.47 20.55 -2.66
CA ARG A 548 -42.97 21.91 -2.47
C ARG A 548 -42.15 22.02 -1.19
N ALA A 549 -42.40 21.16 -0.21
CA ALA A 549 -41.58 21.15 1.01
C ALA A 549 -40.18 20.62 0.72
N LEU A 550 -40.08 19.59 -0.11
CA LEU A 550 -38.76 19.13 -0.52
C LEU A 550 -38.06 20.16 -1.38
N ALA A 551 -38.81 20.90 -2.21
CA ALA A 551 -38.20 21.77 -3.19
C ALA A 551 -37.75 23.10 -2.59
N THR A 552 -38.57 23.68 -1.70
CA THR A 552 -38.35 25.04 -1.24
C THR A 552 -37.89 25.15 0.21
N CYS A 553 -37.87 24.07 0.97
CA CYS A 553 -37.45 24.13 2.37
C CYS A 553 -35.96 23.77 2.43
N HIS A 554 -35.13 24.77 2.22
CA HIS A 554 -33.68 24.65 2.31
C HIS A 554 -33.09 26.04 2.42
N ALA A 555 -31.77 26.12 2.42
CA ALA A 555 -31.06 27.39 2.51
C ALA A 555 -30.04 27.52 1.38
N LEU A 556 -30.42 27.10 0.18
CA LEU A 556 -29.51 27.15 -0.95
C LEU A 556 -29.43 28.58 -1.51
N SER A 557 -28.33 28.83 -2.21
CA SER A 557 -28.14 30.09 -2.93
C SER A 557 -27.57 29.77 -4.30
N ARG A 558 -27.78 30.69 -5.25
CA ARG A 558 -27.31 30.51 -6.61
C ARG A 558 -26.00 31.25 -6.80
N LEU A 559 -24.99 30.56 -7.31
CA LEU A 559 -23.65 31.12 -7.44
C LEU A 559 -22.99 30.47 -8.66
N GLN A 560 -22.47 31.30 -9.56
CA GLN A 560 -21.93 30.84 -10.85
C GLN A 560 -23.00 30.09 -11.63
N ASP A 561 -24.22 30.60 -11.57
CA ASP A 561 -25.41 30.00 -12.18
C ASP A 561 -25.61 28.56 -11.71
N THR A 562 -25.15 28.23 -10.51
CA THR A 562 -25.22 26.88 -9.98
C THR A 562 -25.65 26.94 -8.52
N PRO A 563 -26.58 26.08 -8.11
CA PRO A 563 -27.01 26.08 -6.71
C PRO A 563 -25.88 25.62 -5.78
N VAL A 564 -25.66 26.37 -4.71
CA VAL A 564 -24.65 26.07 -3.71
C VAL A 564 -25.27 26.17 -2.32
N GLY A 565 -24.98 25.20 -1.47
CA GLY A 565 -25.49 25.21 -0.12
C GLY A 565 -25.20 23.91 0.59
N ASP A 566 -26.18 23.47 1.37
CA ASP A 566 -26.06 22.20 2.07
C ASP A 566 -26.05 21.07 1.04
N PRO A 567 -25.18 20.06 1.18
CA PRO A 567 -25.08 19.02 0.13
C PRO A 567 -26.33 18.17 0.01
N MET A 568 -26.91 17.74 1.12
CA MET A 568 -28.15 16.96 1.06
C MET A 568 -29.29 17.79 0.48
N ASP A 569 -29.33 19.08 0.82
CA ASP A 569 -30.31 19.98 0.23
C ASP A 569 -30.13 20.08 -1.28
N LEU A 570 -28.88 20.20 -1.73
CA LEU A 570 -28.59 20.24 -3.16
C LEU A 570 -29.10 18.97 -3.83
N LYS A 571 -28.82 17.80 -3.24
CA LYS A 571 -29.20 16.55 -3.86
C LYS A 571 -30.72 16.37 -3.89
N MET A 572 -31.41 16.75 -2.80
CA MET A 572 -32.87 16.60 -2.79
C MET A 572 -33.53 17.56 -3.77
N VAL A 573 -32.98 18.77 -3.93
CA VAL A 573 -33.57 19.70 -4.89
C VAL A 573 -33.28 19.26 -6.33
N GLU A 574 -32.12 18.63 -6.57
CA GLU A 574 -31.90 18.02 -7.87
C GLU A 574 -32.87 16.87 -8.10
N SER A 575 -33.23 16.15 -7.03
CA SER A 575 -34.15 15.03 -7.17
C SER A 575 -35.56 15.52 -7.48
N THR A 576 -35.98 16.62 -6.86
CA THR A 576 -37.35 17.11 -7.05
C THR A 576 -37.59 17.64 -8.46
N GLY A 577 -36.54 17.83 -9.25
CA GLY A 577 -36.69 18.40 -10.57
C GLY A 577 -36.98 19.88 -10.61
N TRP A 578 -37.20 20.52 -9.46
CA TRP A 578 -37.47 21.95 -9.44
C TRP A 578 -36.17 22.74 -9.49
N VAL A 579 -36.19 23.84 -10.25
CA VAL A 579 -35.02 24.64 -10.54
C VAL A 579 -35.12 25.97 -9.80
N LEU A 580 -34.02 26.38 -9.18
CA LEU A 580 -33.97 27.64 -8.45
C LEU A 580 -33.97 28.81 -9.43
N GLU A 581 -34.66 29.89 -9.06
CA GLU A 581 -34.69 31.09 -9.87
C GLU A 581 -34.71 32.35 -9.01
N ASP A 587 -38.03 36.47 -1.29
CA ASP A 587 -36.75 35.90 -0.88
C ASP A 587 -36.16 35.09 -2.03
N SER A 588 -36.99 34.24 -2.65
CA SER A 588 -36.55 33.40 -3.75
C SER A 588 -37.80 32.78 -4.38
N ALA A 589 -37.63 32.23 -5.58
CA ALA A 589 -38.72 31.61 -6.31
C ALA A 589 -38.23 30.30 -6.92
N PHE A 590 -39.17 29.40 -7.17
CA PHE A 590 -38.87 28.08 -7.72
C PHE A 590 -39.87 27.77 -8.82
N GLY A 591 -39.36 27.41 -9.99
CA GLY A 591 -40.20 26.91 -11.07
C GLY A 591 -40.22 25.39 -11.06
N THR A 592 -41.41 24.83 -11.28
CA THR A 592 -41.55 23.38 -11.34
C THR A 592 -40.75 22.82 -12.52
N GLN A 593 -40.63 21.49 -12.56
CA GLN A 593 -39.80 20.82 -13.55
C GLN A 593 -40.18 21.17 -14.98
N VAL A 594 -41.43 21.57 -15.21
CA VAL A 594 -41.86 21.96 -16.55
C VAL A 594 -43.17 22.75 -16.47
N PRO A 614 -48.11 23.45 -13.14
CA PRO A 614 -48.10 23.96 -11.76
C PRO A 614 -47.86 25.47 -11.71
N VAL A 615 -47.65 26.00 -10.52
CA VAL A 615 -47.44 27.43 -10.34
C VAL A 615 -46.10 27.65 -9.63
N PRO A 616 -45.26 28.56 -10.12
CA PRO A 616 -43.97 28.82 -9.45
C PRO A 616 -44.16 29.51 -8.11
N VAL A 617 -43.67 28.88 -7.05
CA VAL A 617 -43.87 29.36 -5.69
C VAL A 617 -42.68 30.19 -5.25
N SER A 618 -42.95 31.23 -4.48
CA SER A 618 -41.93 32.15 -4.00
C SER A 618 -41.83 32.07 -2.49
N VAL A 619 -40.59 32.05 -1.98
CA VAL A 619 -40.35 32.04 -0.55
C VAL A 619 -40.66 33.41 0.03
N LEU A 620 -41.33 33.42 1.19
CA LEU A 620 -41.65 34.66 1.88
C LEU A 620 -40.67 35.00 3.00
N HIS A 621 -40.00 34.00 3.58
CA HIS A 621 -39.04 34.20 4.66
C HIS A 621 -38.35 32.86 4.90
N ARG A 622 -37.27 32.90 5.68
CA ARG A 622 -36.51 31.69 5.97
C ARG A 622 -35.84 31.83 7.33
N PHE A 623 -35.95 30.79 8.16
CA PHE A 623 -35.27 30.73 9.44
C PHE A 623 -34.10 29.76 9.36
N PRO A 624 -32.90 30.17 9.75
CA PRO A 624 -31.71 29.36 9.47
C PRO A 624 -31.69 28.05 10.25
N PHE A 625 -30.86 27.14 9.76
CA PHE A 625 -30.63 25.86 10.41
C PHE A 625 -29.61 26.03 11.52
N SER A 626 -30.02 25.74 12.75
CA SER A 626 -29.17 25.84 13.92
C SER A 626 -28.82 24.46 14.43
N SER A 627 -27.60 24.29 14.95
CA SER A 627 -27.17 23.00 15.46
C SER A 627 -27.87 22.60 16.74
N ALA A 628 -28.59 23.51 17.39
CA ALA A 628 -29.31 23.19 18.63
C ALA A 628 -30.69 22.62 18.35
N LEU A 629 -31.49 23.34 17.56
CA LEU A 629 -32.76 22.80 17.09
C LEU A 629 -32.60 21.74 16.02
N GLN A 630 -31.52 21.84 15.24
CA GLN A 630 -31.17 20.88 14.19
C GLN A 630 -32.36 20.67 13.25
N ARG A 631 -33.00 21.78 12.87
CA ARG A 631 -34.14 21.77 11.95
C ARG A 631 -34.24 23.15 11.31
N MET A 632 -34.92 23.21 10.18
CA MET A 632 -34.99 24.42 9.37
C MET A 632 -36.45 24.76 9.08
N SER A 633 -36.73 26.04 8.92
CA SER A 633 -38.07 26.51 8.62
C SER A 633 -38.04 27.53 7.48
N VAL A 634 -39.05 27.47 6.62
CA VAL A 634 -39.27 28.44 5.55
C VAL A 634 -40.76 28.73 5.47
N VAL A 635 -41.10 29.82 4.79
CA VAL A 635 -42.49 30.21 4.57
C VAL A 635 -42.63 30.54 3.08
N VAL A 636 -43.52 29.82 2.40
CA VAL A 636 -43.69 29.95 0.96
C VAL A 636 -45.14 30.30 0.65
N ALA A 637 -45.35 30.91 -0.51
CA ALA A 637 -46.68 31.24 -1.01
C ALA A 637 -46.65 31.28 -2.52
N TRP A 638 -47.83 31.28 -3.13
CA TRP A 638 -47.96 31.27 -4.58
C TRP A 638 -49.25 31.96 -4.99
N PRO A 639 -49.30 32.53 -6.19
CA PRO A 639 -50.56 33.12 -6.67
C PRO A 639 -51.62 32.06 -6.90
N GLY A 640 -52.85 32.36 -6.45
CA GLY A 640 -53.92 31.38 -6.49
C GLY A 640 -54.02 30.52 -5.26
N ALA A 641 -53.44 30.95 -4.14
CA ALA A 641 -53.45 30.20 -2.89
C ALA A 641 -54.40 30.84 -1.90
N THR A 642 -54.74 30.08 -0.87
CA THR A 642 -55.63 30.56 0.19
C THR A 642 -54.87 31.24 1.32
N GLN A 643 -53.62 30.86 1.55
CA GLN A 643 -52.83 31.36 2.65
C GLN A 643 -51.40 30.85 2.48
N PRO A 644 -50.41 31.54 3.05
CA PRO A 644 -49.02 31.08 2.94
C PRO A 644 -48.84 29.70 3.56
N GLU A 645 -47.75 29.06 3.17
CA GLU A 645 -47.44 27.71 3.62
C GLU A 645 -46.03 27.67 4.20
N ALA A 646 -45.91 27.22 5.44
CA ALA A 646 -44.63 27.13 6.12
C ALA A 646 -44.15 25.70 6.13
N TYR A 647 -42.87 25.50 5.81
CA TYR A 647 -42.26 24.18 5.79
C TYR A 647 -41.19 24.07 6.87
N VAL A 648 -41.00 22.85 7.38
CA VAL A 648 -40.00 22.54 8.39
C VAL A 648 -39.29 21.26 7.98
N LYS A 649 -37.97 21.22 8.17
CA LYS A 649 -37.16 20.07 7.79
C LYS A 649 -36.01 19.93 8.78
N GLY A 650 -35.82 18.74 9.31
CA GLY A 650 -34.74 18.51 10.24
C GLY A 650 -34.64 17.05 10.64
N SER A 651 -34.04 16.82 11.80
CA SER A 651 -33.96 15.48 12.35
C SER A 651 -35.36 14.91 12.52
N PRO A 652 -35.60 13.66 12.10
CA PRO A 652 -36.99 13.15 12.12
C PRO A 652 -37.57 12.99 13.52
N GLU A 653 -36.78 12.50 14.47
CA GLU A 653 -37.31 12.39 15.84
C GLU A 653 -37.53 13.75 16.48
N LEU A 654 -36.85 14.79 16.00
CA LEU A 654 -37.05 16.12 16.53
C LEU A 654 -38.23 16.81 15.82
N VAL A 655 -38.45 16.53 14.54
CA VAL A 655 -39.61 17.06 13.85
C VAL A 655 -40.88 16.38 14.35
N ALA A 656 -40.79 15.10 14.71
CA ALA A 656 -41.94 14.34 15.17
C ALA A 656 -42.50 14.84 16.50
N GLY A 657 -41.71 15.55 17.30
CA GLY A 657 -42.20 16.11 18.55
C GLY A 657 -42.95 17.42 18.40
N LEU A 658 -42.94 18.01 17.20
CA LEU A 658 -43.62 19.27 16.95
C LEU A 658 -44.94 19.11 16.22
N CYS A 659 -45.13 18.03 15.50
CA CYS A 659 -46.37 17.82 14.76
C CYS A 659 -47.47 17.31 15.69
N ASN A 660 -48.70 17.31 15.17
CA ASN A 660 -49.83 16.85 15.95
C ASN A 660 -49.81 15.32 16.09
N PRO A 661 -50.18 14.80 17.25
CA PRO A 661 -50.18 13.33 17.42
C PRO A 661 -51.10 12.60 16.47
N GLU A 662 -52.07 13.29 15.87
CA GLU A 662 -52.94 12.67 14.87
C GLU A 662 -52.36 12.75 13.45
N THR A 663 -51.14 13.24 13.30
CA THR A 663 -50.44 13.21 12.02
C THR A 663 -49.22 12.32 12.04
N VAL A 664 -48.51 12.23 13.16
CA VAL A 664 -47.35 11.35 13.27
C VAL A 664 -47.84 9.91 13.42
N PRO A 665 -47.40 9.00 12.55
CA PRO A 665 -47.88 7.61 12.65
C PRO A 665 -47.37 6.92 13.90
N THR A 666 -48.13 5.91 14.32
CA THR A 666 -47.73 5.09 15.47
C THR A 666 -46.53 4.21 15.14
N ASP A 667 -46.30 3.91 13.86
CA ASP A 667 -45.16 3.14 13.40
C ASP A 667 -43.96 4.01 13.06
N PHE A 668 -43.86 5.20 13.65
CA PHE A 668 -42.84 6.15 13.26
C PHE A 668 -41.45 5.71 13.74
N ALA A 669 -41.33 5.41 15.03
CA ALA A 669 -40.00 5.07 15.57
C ALA A 669 -39.48 3.77 14.98
N GLN A 670 -40.35 2.78 14.81
CA GLN A 670 -39.93 1.50 14.25
C GLN A 670 -39.48 1.65 12.81
N MET A 671 -40.22 2.40 12.00
CA MET A 671 -39.82 2.63 10.62
C MET A 671 -38.52 3.41 10.55
N LEU A 672 -38.36 4.40 11.42
CA LEU A 672 -37.15 5.21 11.44
C LEU A 672 -35.94 4.35 11.80
N GLN A 673 -36.08 3.47 12.79
CA GLN A 673 -34.95 2.60 13.15
C GLN A 673 -34.68 1.58 12.06
N SER A 674 -35.72 1.04 11.43
CA SER A 674 -35.52 0.10 10.32
C SER A 674 -34.78 0.78 9.17
N TYR A 675 -35.05 2.06 8.95
CA TYR A 675 -34.29 2.81 7.94
C TYR A 675 -32.86 3.05 8.39
N THR A 676 -32.66 3.49 9.63
CA THR A 676 -31.36 3.90 10.10
C THR A 676 -30.48 2.74 10.55
N ALA A 677 -31.03 1.53 10.67
CA ALA A 677 -30.22 0.35 10.99
C ALA A 677 -29.45 -0.16 9.79
N ALA A 678 -29.60 0.48 8.63
CA ALA A 678 -28.85 0.15 7.44
C ALA A 678 -27.92 1.28 7.01
N GLY A 679 -27.85 2.35 7.79
CA GLY A 679 -27.00 3.47 7.46
C GLY A 679 -27.65 4.51 6.58
N TYR A 680 -28.97 4.65 6.65
CA TYR A 680 -29.68 5.65 5.85
C TYR A 680 -29.66 6.99 6.57
N ARG A 681 -29.77 8.05 5.79
CA ARG A 681 -29.82 9.41 6.33
C ARG A 681 -31.25 9.91 6.16
N VAL A 682 -32.07 9.68 7.18
CA VAL A 682 -33.47 10.07 7.17
C VAL A 682 -33.58 11.51 7.63
N VAL A 683 -34.45 12.27 6.97
CA VAL A 683 -34.71 13.67 7.32
C VAL A 683 -36.20 13.93 7.11
N ALA A 684 -36.87 14.38 8.16
CA ALA A 684 -38.31 14.58 8.11
C ALA A 684 -38.66 15.98 7.62
N LEU A 685 -39.86 16.10 7.06
CA LEU A 685 -40.41 17.37 6.60
C LEU A 685 -41.84 17.51 7.08
N ALA A 686 -42.22 18.73 7.45
CA ALA A 686 -43.56 19.04 7.94
C ALA A 686 -44.00 20.38 7.38
N SER A 687 -45.28 20.69 7.55
CA SER A 687 -45.84 21.91 7.00
C SER A 687 -46.99 22.40 7.87
N LYS A 688 -47.47 23.61 7.58
CA LYS A 688 -48.57 24.27 8.28
C LYS A 688 -49.30 25.26 7.37
N PRO A 689 -50.62 25.21 7.33
CA PRO A 689 -51.38 26.36 6.81
C PRO A 689 -51.35 27.50 7.81
N LEU A 690 -51.00 28.71 7.34
CA LEU A 690 -50.92 29.82 8.26
C LEU A 690 -52.09 30.78 8.06
N PRO A 691 -52.80 31.18 9.11
CA PRO A 691 -53.86 32.19 8.95
C PRO A 691 -53.32 33.57 8.63
N THR A 692 -52.01 33.73 8.51
CA THR A 692 -51.42 35.01 8.15
C THR A 692 -51.85 35.42 6.74
N VAL A 693 -51.96 36.73 6.53
CA VAL A 693 -52.30 37.24 5.18
C VAL A 693 -51.17 36.92 4.21
N PRO A 694 -51.48 36.53 2.96
CA PRO A 694 -50.40 36.25 2.01
C PRO A 694 -49.67 37.51 1.58
N SER A 695 -48.87 38.06 2.49
CA SER A 695 -48.05 39.24 2.23
C SER A 695 -46.82 39.20 3.12
N LEU A 696 -45.72 39.72 2.60
CA LEU A 696 -44.47 39.77 3.35
C LEU A 696 -44.44 40.83 4.42
N GLU A 697 -45.46 41.69 4.50
CA GLU A 697 -45.49 42.71 5.53
C GLU A 697 -45.78 42.12 6.91
N ALA A 698 -46.39 40.94 6.95
CA ALA A 698 -46.61 40.19 8.18
C ALA A 698 -45.86 38.87 8.23
N ALA A 699 -45.58 38.27 7.07
CA ALA A 699 -44.96 36.96 7.03
C ALA A 699 -43.49 36.97 7.44
N GLN A 700 -42.80 38.11 7.36
CA GLN A 700 -41.42 38.21 7.83
C GLN A 700 -41.32 38.62 9.28
N GLN A 701 -42.42 39.00 9.92
CA GLN A 701 -42.43 39.34 11.34
C GLN A 701 -42.90 38.18 12.21
N LEU A 702 -42.96 36.98 11.66
CA LEU A 702 -43.34 35.81 12.44
C LEU A 702 -42.18 35.36 13.31
N THR A 703 -42.47 35.04 14.57
CA THR A 703 -41.50 34.35 15.41
C THR A 703 -41.49 32.87 15.04
N ARG A 704 -40.30 32.26 15.09
CA ARG A 704 -40.16 30.89 14.57
C ARG A 704 -40.82 29.86 15.46
N ASP A 705 -40.93 30.13 16.76
CA ASP A 705 -41.49 29.14 17.68
C ASP A 705 -42.95 28.85 17.36
N THR A 706 -43.71 29.88 16.97
CA THR A 706 -45.10 29.66 16.60
C THR A 706 -45.18 28.85 15.29
N VAL A 707 -44.18 28.98 14.42
CA VAL A 707 -44.16 28.21 13.18
C VAL A 707 -43.82 26.76 13.46
N GLU A 708 -42.91 26.51 14.41
CA GLU A 708 -42.53 25.14 14.72
C GLU A 708 -43.64 24.37 15.44
N GLY A 709 -44.55 25.07 16.11
CA GLY A 709 -45.62 24.40 16.82
C GLY A 709 -46.83 24.12 15.94
N ASP A 710 -47.54 23.04 16.27
CA ASP A 710 -48.75 22.63 15.57
C ASP A 710 -48.44 22.34 14.09
N LEU A 711 -47.43 21.52 13.86
CA LEU A 711 -47.05 21.14 12.52
C LEU A 711 -47.92 19.98 12.03
N SER A 712 -47.62 19.51 10.82
CA SER A 712 -48.24 18.31 10.26
C SER A 712 -47.16 17.57 9.50
N LEU A 713 -46.69 16.45 10.05
CA LEU A 713 -45.59 15.71 9.44
C LEU A 713 -45.97 15.25 8.04
N LEU A 714 -45.25 15.76 7.05
CA LEU A 714 -45.52 15.38 5.66
C LEU A 714 -44.86 14.06 5.29
N GLY A 715 -43.64 13.82 5.75
CA GLY A 715 -42.98 12.58 5.44
C GLY A 715 -41.49 12.64 5.69
N LEU A 716 -40.82 11.55 5.31
CA LEU A 716 -39.40 11.40 5.47
C LEU A 716 -38.71 11.36 4.12
N LEU A 717 -37.46 11.81 4.10
CA LEU A 717 -36.61 11.69 2.92
C LEU A 717 -35.43 10.80 3.28
N VAL A 718 -35.27 9.69 2.53
CA VAL A 718 -34.27 8.69 2.88
C VAL A 718 -33.12 8.83 1.86
N MET A 719 -31.93 9.11 2.37
CA MET A 719 -30.73 9.26 1.57
C MET A 719 -29.76 8.15 1.97
N ARG A 720 -29.07 7.59 1.00
CA ARG A 720 -28.17 6.47 1.21
C ARG A 720 -26.95 6.62 0.34
N ASN A 721 -25.82 6.11 0.81
CA ASN A 721 -24.61 6.04 0.01
C ASN A 721 -24.67 4.73 -0.78
N LEU A 722 -24.82 4.85 -2.10
CA LEU A 722 -25.04 3.67 -2.92
C LEU A 722 -23.73 2.94 -3.19
N LEU A 723 -23.85 1.64 -3.38
CA LEU A 723 -22.74 0.78 -3.73
C LEU A 723 -22.44 0.94 -5.22
N LYS A 724 -21.16 1.10 -5.56
CA LYS A 724 -20.79 1.29 -6.95
C LYS A 724 -21.20 0.08 -7.79
N PRO A 725 -21.57 0.29 -9.05
CA PRO A 725 -22.01 -0.83 -9.89
C PRO A 725 -20.94 -1.87 -10.14
N GLN A 726 -19.67 -1.53 -9.99
CA GLN A 726 -18.57 -2.44 -10.24
C GLN A 726 -18.14 -3.19 -8.99
N THR A 727 -18.73 -2.91 -7.84
CA THR A 727 -18.23 -3.46 -6.59
C THR A 727 -18.60 -4.93 -6.44
N THR A 728 -19.87 -5.26 -6.60
CA THR A 728 -20.37 -6.61 -6.31
C THR A 728 -19.78 -7.63 -7.29
N PRO A 729 -19.71 -7.35 -8.59
CA PRO A 729 -18.97 -8.28 -9.47
C PRO A 729 -17.55 -8.54 -9.04
N VAL A 730 -16.80 -7.51 -8.66
CA VAL A 730 -15.41 -7.70 -8.28
C VAL A 730 -15.30 -8.47 -6.97
N ILE A 731 -16.18 -8.18 -6.01
CA ILE A 731 -16.13 -8.87 -4.73
C ILE A 731 -16.48 -10.34 -4.90
N GLN A 732 -17.49 -10.63 -5.73
CA GLN A 732 -17.85 -12.02 -5.97
C GLN A 732 -16.80 -12.75 -6.79
N ALA A 733 -16.09 -12.05 -7.67
CA ALA A 733 -14.99 -12.67 -8.38
C ALA A 733 -13.82 -12.97 -7.46
N LEU A 734 -13.58 -12.10 -6.47
CA LEU A 734 -12.54 -12.37 -5.48
C LEU A 734 -12.91 -13.55 -4.61
N ARG A 735 -14.16 -13.60 -4.15
CA ARG A 735 -14.60 -14.72 -3.31
C ARG A 735 -14.68 -16.01 -4.11
N ARG A 736 -14.87 -15.92 -5.42
CA ARG A 736 -14.91 -17.11 -6.26
C ARG A 736 -13.52 -17.68 -6.49
N THR A 737 -12.49 -16.84 -6.53
CA THR A 737 -11.11 -17.28 -6.61
C THR A 737 -10.48 -17.49 -5.25
N ARG A 738 -11.28 -17.53 -4.18
CA ARG A 738 -10.81 -17.82 -2.83
C ARG A 738 -9.84 -16.77 -2.32
N ILE A 739 -10.15 -15.51 -2.57
CA ILE A 739 -9.40 -14.38 -2.03
C ILE A 739 -10.30 -13.66 -1.03
N ARG A 740 -9.80 -13.47 0.19
CA ARG A 740 -10.60 -12.87 1.24
C ARG A 740 -10.79 -11.38 1.00
N ALA A 741 -12.04 -10.94 1.08
CA ALA A 741 -12.40 -9.53 0.98
C ALA A 741 -12.80 -9.05 2.37
N VAL A 742 -12.11 -8.03 2.86
CA VAL A 742 -12.28 -7.54 4.22
C VAL A 742 -12.57 -6.04 4.14
N MET A 743 -13.69 -5.63 4.71
CA MET A 743 -14.04 -4.22 4.81
C MET A 743 -13.38 -3.63 6.05
N VAL A 744 -12.53 -2.63 5.85
CA VAL A 744 -11.91 -1.88 6.94
C VAL A 744 -12.25 -0.41 6.72
N THR A 745 -13.29 0.06 7.40
CA THR A 745 -13.83 1.39 7.19
C THR A 745 -13.81 2.18 8.49
N GLY A 746 -13.78 3.50 8.36
CA GLY A 746 -13.94 4.40 9.48
C GLY A 746 -15.37 4.72 9.83
N ASP A 747 -16.32 4.21 9.07
CA ASP A 747 -17.74 4.49 9.29
C ASP A 747 -18.29 3.59 10.39
N ASN A 748 -19.55 3.78 10.73
CA ASN A 748 -20.17 3.04 11.80
C ASN A 748 -20.42 1.59 11.39
N LEU A 749 -20.68 0.74 12.39
CA LEU A 749 -20.74 -0.69 12.15
C LEU A 749 -22.01 -1.12 11.46
N GLN A 750 -23.10 -0.38 11.65
CA GLN A 750 -24.35 -0.73 10.99
C GLN A 750 -24.26 -0.51 9.48
N THR A 751 -23.79 0.66 9.06
CA THR A 751 -23.59 0.92 7.64
C THR A 751 -22.59 -0.05 7.04
N ALA A 752 -21.51 -0.33 7.76
CA ALA A 752 -20.50 -1.26 7.26
C ALA A 752 -21.07 -2.64 7.06
N VAL A 753 -21.87 -3.12 8.01
CA VAL A 753 -22.47 -4.45 7.91
C VAL A 753 -23.46 -4.50 6.76
N THR A 754 -24.27 -3.45 6.61
CA THR A 754 -25.25 -3.43 5.51
C THR A 754 -24.55 -3.43 4.16
N VAL A 755 -23.49 -2.64 4.02
CA VAL A 755 -22.76 -2.60 2.74
C VAL A 755 -22.04 -3.92 2.50
N ALA A 756 -21.54 -4.56 3.56
CA ALA A 756 -20.84 -5.83 3.38
C ALA A 756 -21.80 -6.94 2.97
N ARG A 757 -23.02 -6.93 3.50
CA ARG A 757 -24.03 -7.84 2.98
C ARG A 757 -24.47 -7.45 1.57
N GLY A 758 -24.38 -6.16 1.23
CA GLY A 758 -24.82 -5.72 -0.08
C GLY A 758 -23.86 -6.06 -1.19
N CYS A 759 -22.55 -5.94 -0.93
CA CYS A 759 -21.55 -6.18 -1.96
C CYS A 759 -21.13 -7.65 -2.05
N GLY A 760 -21.71 -8.52 -1.24
CA GLY A 760 -21.38 -9.92 -1.27
C GLY A 760 -20.17 -10.32 -0.46
N MET A 761 -19.65 -9.45 0.39
CA MET A 761 -18.62 -9.87 1.34
C MET A 761 -19.18 -10.87 2.33
N VAL A 762 -20.44 -10.70 2.71
CA VAL A 762 -21.16 -11.64 3.56
C VAL A 762 -22.36 -12.11 2.74
N ALA A 763 -22.31 -13.34 2.25
CA ALA A 763 -23.41 -13.90 1.48
C ALA A 763 -24.61 -14.15 2.38
N PRO A 764 -25.82 -14.17 1.81
CA PRO A 764 -27.01 -14.35 2.66
C PRO A 764 -27.05 -15.68 3.39
N GLN A 765 -26.44 -16.73 2.83
CA GLN A 765 -26.40 -18.01 3.51
C GLN A 765 -25.35 -18.02 4.63
N GLU A 766 -24.41 -17.10 4.61
CA GLU A 766 -23.34 -17.05 5.59
C GLU A 766 -23.77 -16.27 6.82
N HIS A 767 -23.12 -16.58 7.94
CA HIS A 767 -23.46 -16.00 9.24
C HIS A 767 -22.49 -14.89 9.59
N LEU A 768 -23.02 -13.81 10.15
CA LEU A 768 -22.23 -12.69 10.64
C LEU A 768 -22.45 -12.54 12.13
N ILE A 769 -21.36 -12.41 12.88
CA ILE A 769 -21.40 -12.26 14.33
C ILE A 769 -20.70 -10.95 14.67
N ILE A 770 -21.37 -10.13 15.46
CA ILE A 770 -20.76 -8.90 15.98
C ILE A 770 -19.96 -9.23 17.22
N VAL A 771 -18.69 -8.87 17.23
CA VAL A 771 -17.84 -8.99 18.40
C VAL A 771 -17.80 -7.64 19.10
N HIS A 772 -18.26 -7.61 20.35
CA HIS A 772 -18.27 -6.39 21.14
C HIS A 772 -17.38 -6.60 22.36
N ALA A 773 -16.39 -5.73 22.52
CA ALA A 773 -15.48 -5.77 23.65
C ALA A 773 -15.70 -4.56 24.53
N THR A 774 -15.63 -4.78 25.84
CA THR A 774 -15.80 -3.73 26.84
C THR A 774 -14.48 -3.48 27.55
N HIS A 775 -14.16 -2.20 27.75
CA HIS A 775 -12.92 -1.86 28.45
C HIS A 775 -12.96 -2.41 29.87
N PRO A 776 -11.82 -2.86 30.41
CA PRO A 776 -11.81 -3.32 31.79
C PRO A 776 -11.90 -2.17 32.78
N GLU A 777 -13.06 -2.00 33.41
CA GLU A 777 -13.26 -0.95 34.38
C GLU A 777 -12.73 -1.40 35.74
N ARG A 778 -12.92 -0.55 36.75
CA ARG A 778 -12.45 -0.85 38.10
C ARG A 778 -13.20 -2.05 38.68
N GLY A 779 -12.51 -3.17 38.84
CA GLY A 779 -13.06 -4.34 39.49
C GLY A 779 -13.45 -5.47 38.57
N GLN A 780 -13.50 -5.25 37.25
CA GLN A 780 -13.83 -6.31 36.31
C GLN A 780 -12.93 -6.22 35.09
N PRO A 781 -12.49 -7.35 34.55
CA PRO A 781 -11.62 -7.34 33.38
C PRO A 781 -12.41 -7.14 32.09
N ALA A 782 -11.66 -7.02 30.99
CA ALA A 782 -12.29 -6.89 29.69
C ALA A 782 -13.01 -8.17 29.32
N SER A 783 -14.09 -8.04 28.55
CA SER A 783 -14.89 -9.17 28.13
C SER A 783 -15.18 -9.07 26.64
N LEU A 784 -15.38 -10.23 26.02
CA LEU A 784 -15.76 -10.32 24.61
C LEU A 784 -17.22 -10.75 24.53
N GLU A 785 -18.03 -9.92 23.91
CA GLU A 785 -19.46 -10.18 23.74
C GLU A 785 -19.76 -10.50 22.29
N PHE A 786 -20.34 -11.65 22.03
CA PHE A 786 -20.68 -12.11 20.69
C PHE A 786 -22.19 -12.09 20.54
N LEU A 787 -22.69 -11.23 19.63
CA LEU A 787 -24.14 -11.15 19.41
C LEU A 787 -24.40 -11.50 17.94
N PRO A 788 -24.92 -12.69 17.67
CA PRO A 788 -25.22 -13.06 16.28
C PRO A 788 -26.41 -12.27 15.75
N MET A 789 -26.24 -11.68 14.57
CA MET A 789 -27.27 -10.89 13.94
C MET A 789 -27.89 -11.68 12.79
N GLU A 790 -29.21 -11.64 12.71
CA GLU A 790 -29.94 -12.41 11.69
C GLU A 790 -29.65 -11.86 10.29
N SER A 791 -29.82 -12.74 9.30
CA SER A 791 -29.55 -12.40 7.92
C SER A 791 -30.51 -11.33 7.41
N ARG A 814 -15.37 -17.16 4.79
CA ARG A 814 -16.01 -18.45 4.97
C ARG A 814 -17.45 -18.30 5.45
N SER A 815 -18.07 -19.42 5.83
CA SER A 815 -19.45 -19.41 6.29
C SER A 815 -19.65 -18.58 7.54
N ARG A 816 -18.57 -18.29 8.27
CA ARG A 816 -18.64 -17.55 9.53
C ARG A 816 -17.82 -16.27 9.39
N HIS A 817 -18.47 -15.14 9.59
CA HIS A 817 -17.82 -13.84 9.49
C HIS A 817 -17.97 -13.10 10.81
N LEU A 818 -16.96 -12.29 11.13
CA LEU A 818 -16.94 -11.49 12.34
C LEU A 818 -16.94 -10.01 11.99
N ALA A 819 -17.68 -9.23 12.76
CA ALA A 819 -17.77 -7.79 12.58
C ALA A 819 -17.50 -7.10 13.91
N LEU A 820 -16.57 -6.15 13.91
CA LEU A 820 -16.18 -5.48 15.14
C LEU A 820 -15.72 -4.08 14.82
N SER A 821 -15.74 -3.22 15.85
CA SER A 821 -15.38 -1.82 15.71
C SER A 821 -13.91 -1.60 16.07
N GLY A 822 -13.47 -0.36 15.90
CA GLY A 822 -12.13 0.05 16.27
C GLY A 822 -11.85 -0.10 17.75
N PRO A 823 -12.73 0.42 18.61
CA PRO A 823 -12.59 0.16 20.05
C PRO A 823 -12.50 -1.31 20.38
N THR A 824 -13.37 -2.15 19.81
CA THR A 824 -13.29 -3.58 20.04
C THR A 824 -11.99 -4.16 19.52
N PHE A 825 -11.54 -3.70 18.35
CA PHE A 825 -10.27 -4.17 17.80
C PHE A 825 -9.12 -3.88 18.76
N GLY A 826 -9.08 -2.66 19.30
CA GLY A 826 -8.02 -2.32 20.22
C GLY A 826 -8.10 -3.09 21.53
N ILE A 827 -9.30 -3.26 22.07
CA ILE A 827 -9.45 -4.04 23.30
C ILE A 827 -9.03 -5.49 23.08
N ILE A 828 -9.26 -6.03 21.88
CA ILE A 828 -8.85 -7.39 21.60
C ILE A 828 -7.34 -7.47 21.42
N VAL A 829 -6.75 -6.46 20.78
CA VAL A 829 -5.30 -6.46 20.59
C VAL A 829 -4.60 -6.39 21.94
N LYS A 830 -5.13 -5.59 22.87
CA LYS A 830 -4.47 -5.41 24.16
C LYS A 830 -4.76 -6.56 25.12
N HIS A 831 -6.04 -6.88 25.34
CA HIS A 831 -6.43 -7.76 26.42
C HIS A 831 -6.69 -9.19 25.99
N PHE A 832 -6.90 -9.46 24.72
CA PHE A 832 -7.13 -10.82 24.20
C PHE A 832 -6.16 -11.10 23.07
N PRO A 833 -4.86 -11.20 23.37
CA PRO A 833 -3.89 -11.48 22.30
C PRO A 833 -3.92 -12.92 21.82
N LYS A 834 -4.55 -13.83 22.55
CA LYS A 834 -4.67 -15.21 22.10
C LYS A 834 -5.91 -15.42 21.25
N LEU A 835 -6.95 -14.61 21.46
CA LEU A 835 -8.14 -14.66 20.62
C LEU A 835 -8.00 -13.79 19.37
N LEU A 836 -7.04 -12.88 19.36
CA LEU A 836 -6.84 -12.00 18.20
C LEU A 836 -6.64 -12.73 16.88
N PRO A 837 -5.85 -13.81 16.80
CA PRO A 837 -5.68 -14.47 15.49
C PRO A 837 -6.96 -15.06 14.94
N LYS A 838 -7.82 -15.62 15.79
CA LYS A 838 -9.11 -16.11 15.32
C LYS A 838 -9.98 -14.97 14.81
N VAL A 839 -9.95 -13.83 15.49
CA VAL A 839 -10.67 -12.65 15.03
C VAL A 839 -10.17 -12.21 13.67
N LEU A 840 -8.85 -12.22 13.48
CA LEU A 840 -8.29 -11.76 12.22
C LEU A 840 -8.54 -12.76 11.10
N VAL A 841 -8.65 -14.04 11.42
CA VAL A 841 -8.90 -15.04 10.40
C VAL A 841 -10.38 -15.07 10.01
N GLN A 842 -11.28 -14.76 10.93
CA GLN A 842 -12.71 -14.75 10.61
C GLN A 842 -13.26 -13.34 10.43
N GLY A 843 -12.47 -12.31 10.67
CA GLY A 843 -12.99 -10.95 10.60
C GLY A 843 -13.22 -10.50 9.18
N THR A 844 -14.43 -10.05 8.89
CA THR A 844 -14.81 -9.55 7.58
C THR A 844 -15.10 -8.06 7.55
N VAL A 845 -15.66 -7.52 8.63
CA VAL A 845 -16.01 -6.10 8.72
C VAL A 845 -15.29 -5.51 9.90
N PHE A 846 -14.47 -4.49 9.63
CA PHE A 846 -13.78 -3.72 10.67
C PHE A 846 -14.22 -2.27 10.50
N ALA A 847 -15.12 -1.83 11.36
CA ALA A 847 -15.71 -0.50 11.26
C ALA A 847 -15.15 0.42 12.34
N ARG A 848 -15.40 1.72 12.16
CA ARG A 848 -14.97 2.74 13.10
C ARG A 848 -13.48 2.64 13.40
N MET A 849 -12.69 2.39 12.37
CA MET A 849 -11.26 2.23 12.50
C MET A 849 -10.55 3.56 12.29
N ALA A 850 -9.59 3.85 13.16
CA ALA A 850 -8.70 4.98 12.98
C ALA A 850 -7.61 4.62 11.98
N PRO A 851 -6.95 5.61 11.38
CA PRO A 851 -5.90 5.28 10.40
C PRO A 851 -4.83 4.36 10.95
N GLU A 852 -4.36 4.62 12.16
CA GLU A 852 -3.37 3.73 12.76
C GLU A 852 -3.97 2.35 13.02
N GLN A 853 -5.27 2.26 13.25
CA GLN A 853 -5.91 0.96 13.41
C GLN A 853 -5.99 0.21 12.09
N LYS A 854 -6.19 0.93 10.98
CA LYS A 854 -6.10 0.28 9.66
C LYS A 854 -4.71 -0.25 9.42
N THR A 855 -3.69 0.56 9.71
CA THR A 855 -2.31 0.09 9.56
C THR A 855 -2.04 -1.13 10.45
N GLU A 856 -2.53 -1.09 11.68
CA GLU A 856 -2.32 -2.18 12.61
C GLU A 856 -3.03 -3.44 12.14
N LEU A 857 -4.22 -3.31 11.57
CA LEU A 857 -4.92 -4.46 11.03
C LEU A 857 -4.15 -5.08 9.87
N VAL A 858 -3.63 -4.23 8.97
CA VAL A 858 -2.85 -4.76 7.85
C VAL A 858 -1.61 -5.48 8.35
N CYS A 859 -0.92 -4.90 9.34
CA CYS A 859 0.30 -5.52 9.85
C CYS A 859 0.00 -6.81 10.60
N GLU A 860 -1.09 -6.85 11.37
CA GLU A 860 -1.45 -8.05 12.10
C GLU A 860 -1.90 -9.16 11.17
N LEU A 861 -2.52 -8.81 10.03
CA LEU A 861 -2.84 -9.82 9.04
C LEU A 861 -1.60 -10.31 8.33
N GLN A 862 -0.62 -9.43 8.10
CA GLN A 862 0.64 -9.87 7.52
C GLN A 862 1.43 -10.75 8.47
N LYS A 863 1.27 -10.55 9.78
CA LYS A 863 1.91 -11.44 10.75
C LYS A 863 1.35 -12.84 10.71
N LEU A 864 0.11 -13.01 10.26
CA LEU A 864 -0.48 -14.33 10.02
C LEU A 864 -0.05 -14.91 8.69
N GLN A 865 0.97 -14.33 8.06
CA GLN A 865 1.53 -14.77 6.79
C GLN A 865 0.56 -14.60 5.63
N TYR A 866 -0.41 -13.71 5.76
CA TYR A 866 -1.20 -13.28 4.63
C TYR A 866 -0.37 -12.37 3.72
N CYS A 867 -0.62 -12.44 2.43
CA CYS A 867 -0.20 -11.41 1.50
C CYS A 867 -1.38 -10.47 1.31
N VAL A 868 -1.31 -9.31 1.94
CA VAL A 868 -2.46 -8.44 2.12
C VAL A 868 -2.46 -7.36 1.04
N GLY A 869 -3.64 -7.12 0.47
CA GLY A 869 -3.87 -6.00 -0.42
C GLY A 869 -4.79 -5.00 0.25
N MET A 870 -4.55 -3.72 0.00
CA MET A 870 -5.36 -2.64 0.53
C MET A 870 -5.82 -1.76 -0.62
N CYS A 871 -7.11 -1.44 -0.64
CA CYS A 871 -7.69 -0.56 -1.65
C CYS A 871 -8.49 0.52 -0.95
N GLY A 872 -8.04 1.77 -1.06
CA GLY A 872 -8.73 2.88 -0.45
C GLY A 872 -8.52 4.14 -1.25
N ASP A 873 -9.20 5.20 -0.83
CA ASP A 873 -9.18 6.46 -1.55
C ASP A 873 -9.04 7.67 -0.63
N GLY A 874 -8.73 7.48 0.64
CA GLY A 874 -8.71 8.58 1.57
C GLY A 874 -7.41 8.75 2.32
N ALA A 875 -7.22 9.92 2.93
CA ALA A 875 -6.03 10.16 3.74
C ALA A 875 -5.96 9.20 4.93
N ASN A 876 -7.11 8.76 5.44
CA ASN A 876 -7.12 7.80 6.54
C ASN A 876 -6.67 6.42 6.10
N ASP A 877 -6.53 6.18 4.79
CA ASP A 877 -6.10 4.90 4.25
C ASP A 877 -4.61 4.85 3.94
N CYS A 878 -3.87 5.93 4.21
CA CYS A 878 -2.49 6.02 3.74
C CYS A 878 -1.58 5.03 4.47
N GLY A 879 -1.76 4.87 5.78
CA GLY A 879 -0.95 3.92 6.50
C GLY A 879 -1.19 2.50 6.05
N ALA A 880 -2.45 2.14 5.81
CA ALA A 880 -2.77 0.80 5.35
C ALA A 880 -2.36 0.58 3.90
N LEU A 881 -2.30 1.63 3.10
CA LEU A 881 -1.85 1.50 1.72
C LEU A 881 -0.34 1.39 1.64
N LYS A 882 0.38 2.05 2.54
CA LYS A 882 1.82 1.92 2.60
C LYS A 882 2.26 0.62 3.26
N ALA A 883 1.48 0.11 4.20
CA ALA A 883 1.85 -1.10 4.92
C ALA A 883 1.50 -2.36 4.17
N ALA A 884 0.54 -2.29 3.26
CA ALA A 884 0.09 -3.48 2.56
C ALA A 884 1.12 -3.92 1.52
N ASP A 885 1.10 -5.21 1.20
CA ASP A 885 1.95 -5.73 0.13
C ASP A 885 1.60 -5.09 -1.19
N VAL A 886 0.31 -5.06 -1.53
CA VAL A 886 -0.19 -4.40 -2.72
C VAL A 886 -1.23 -3.40 -2.27
N GLY A 887 -0.85 -2.12 -2.23
CA GLY A 887 -1.79 -1.07 -1.93
C GLY A 887 -2.18 -0.30 -3.16
N ILE A 888 -3.48 -0.30 -3.48
CA ILE A 888 -4.00 0.40 -4.65
C ILE A 888 -4.77 1.62 -4.17
N SER A 889 -4.47 2.77 -4.75
CA SER A 889 -5.11 4.03 -4.40
C SER A 889 -6.13 4.40 -5.46
N LEU A 890 -7.38 4.59 -5.03
CA LEU A 890 -8.41 5.09 -5.92
C LEU A 890 -8.44 6.60 -6.00
N SER A 891 -7.66 7.29 -5.19
CA SER A 891 -7.59 8.73 -5.17
C SER A 891 -6.35 9.23 -5.90
N GLN A 892 -6.47 10.40 -6.53
CA GLN A 892 -5.35 11.08 -7.13
C GLN A 892 -4.70 12.09 -6.20
N ALA A 893 -5.15 12.19 -4.96
CA ALA A 893 -4.69 13.23 -4.04
C ALA A 893 -4.43 12.61 -2.68
N GLU A 894 -3.20 12.76 -2.19
CA GLU A 894 -2.84 12.55 -0.79
C GLU A 894 -2.83 11.07 -0.42
N ALA A 895 -3.28 10.22 -1.34
CA ALA A 895 -3.17 8.78 -1.19
C ALA A 895 -2.35 8.15 -2.30
N SER A 896 -2.24 8.79 -3.46
CA SER A 896 -1.35 8.37 -4.51
C SER A 896 0.11 8.41 -4.11
N VAL A 897 0.45 9.24 -3.13
CA VAL A 897 1.85 9.43 -2.75
C VAL A 897 2.42 8.17 -2.13
N VAL A 898 1.68 7.57 -1.19
CA VAL A 898 2.18 6.43 -0.43
C VAL A 898 1.79 5.10 -1.05
N SER A 899 1.00 5.11 -2.12
CA SER A 899 0.60 3.79 -2.59
C SER A 899 1.46 3.33 -3.76
N PRO A 900 1.79 2.03 -3.79
CA PRO A 900 2.51 1.50 -4.95
C PRO A 900 1.72 1.62 -6.25
N PHE A 901 0.41 1.41 -6.20
CA PHE A 901 -0.45 1.46 -7.37
C PHE A 901 -1.50 2.55 -7.20
N THR A 902 -1.77 3.26 -8.28
CA THR A 902 -2.85 4.23 -8.35
C THR A 902 -3.67 3.95 -9.59
N SER A 903 -4.99 4.05 -9.46
CA SER A 903 -5.90 3.78 -10.55
C SER A 903 -6.69 5.03 -10.90
N SER A 904 -6.93 5.24 -12.20
CA SER A 904 -7.72 6.36 -12.66
C SER A 904 -9.22 6.12 -12.55
N MET A 905 -9.64 4.86 -12.51
CA MET A 905 -11.04 4.53 -12.29
C MET A 905 -11.33 4.52 -10.80
N ALA A 906 -12.51 5.00 -10.44
CA ALA A 906 -12.92 5.05 -9.04
C ALA A 906 -13.51 3.73 -8.55
N SER A 907 -13.53 2.70 -9.39
CA SER A 907 -14.04 1.41 -9.00
C SER A 907 -12.93 0.52 -8.47
N ILE A 908 -13.32 -0.63 -7.92
CA ILE A 908 -12.37 -1.62 -7.44
C ILE A 908 -12.07 -2.66 -8.50
N GLU A 909 -12.43 -2.38 -9.75
CA GLU A 909 -12.08 -3.25 -10.86
C GLU A 909 -10.57 -3.33 -11.07
N CYS A 910 -9.82 -2.40 -10.49
CA CYS A 910 -8.37 -2.43 -10.57
C CYS A 910 -7.79 -3.62 -9.82
N VAL A 911 -8.47 -4.11 -8.79
CA VAL A 911 -7.93 -5.19 -7.97
C VAL A 911 -7.81 -6.48 -8.76
N PRO A 912 -8.82 -6.95 -9.51
CA PRO A 912 -8.59 -8.13 -10.36
C PRO A 912 -7.58 -7.89 -11.46
N MET A 913 -7.50 -6.68 -12.00
CA MET A 913 -6.49 -6.38 -13.00
C MET A 913 -5.09 -6.52 -12.42
N VAL A 914 -4.86 -5.94 -11.24
CA VAL A 914 -3.55 -6.03 -10.61
C VAL A 914 -3.24 -7.47 -10.21
N ILE A 915 -4.25 -8.21 -9.77
CA ILE A 915 -4.02 -9.60 -9.38
C ILE A 915 -3.67 -10.44 -10.60
N ARG A 916 -4.34 -10.21 -11.73
CA ARG A 916 -4.02 -10.94 -12.96
C ARG A 916 -2.62 -10.61 -13.44
N GLU A 917 -2.28 -9.32 -13.48
CA GLU A 917 -0.94 -8.93 -13.92
C GLU A 917 0.12 -9.46 -12.97
N GLY A 918 -0.18 -9.51 -11.67
CA GLY A 918 0.80 -10.01 -10.73
C GLY A 918 1.00 -11.50 -10.82
N ARG A 919 -0.07 -12.25 -11.06
CA ARG A 919 0.07 -13.68 -11.27
C ARG A 919 0.85 -13.96 -12.54
N CYS A 920 0.58 -13.20 -13.62
CA CYS A 920 1.36 -13.34 -14.84
C CYS A 920 2.82 -13.00 -14.61
N SER A 921 3.10 -11.93 -13.88
CA SER A 921 4.47 -11.52 -13.64
C SER A 921 5.21 -12.48 -12.74
N LEU A 922 4.53 -13.08 -11.77
CA LEU A 922 5.18 -14.06 -10.90
C LEU A 922 5.48 -15.34 -11.67
N ASP A 923 4.55 -15.79 -12.51
CA ASP A 923 4.82 -16.92 -13.39
C ASP A 923 6.00 -16.62 -14.32
N THR A 924 5.98 -15.45 -14.96
CA THR A 924 7.04 -15.07 -15.88
C THR A 924 8.38 -14.92 -15.18
N SER A 925 8.38 -14.45 -13.93
CA SER A 925 9.62 -14.30 -13.20
C SER A 925 10.17 -15.65 -12.80
N PHE A 926 9.29 -16.59 -12.45
CA PHE A 926 9.74 -17.97 -12.25
C PHE A 926 10.39 -18.52 -13.51
N SER A 927 9.77 -18.28 -14.66
CA SER A 927 10.32 -18.77 -15.92
C SER A 927 11.67 -18.13 -16.22
N VAL A 928 11.79 -16.81 -16.02
CA VAL A 928 13.03 -16.11 -16.33
C VAL A 928 14.12 -16.53 -15.36
N PHE A 929 13.80 -16.72 -14.08
CA PHE A 929 14.79 -17.19 -13.13
C PHE A 929 15.27 -18.59 -13.48
N LYS A 930 14.34 -19.48 -13.83
CA LYS A 930 14.74 -20.83 -14.23
C LYS A 930 15.63 -20.79 -15.46
N TYR A 931 15.31 -19.92 -16.42
CA TYR A 931 16.14 -19.82 -17.61
C TYR A 931 17.52 -19.28 -17.28
N MET A 932 17.61 -18.25 -16.46
CA MET A 932 18.92 -17.69 -16.12
C MET A 932 19.74 -18.65 -15.31
N ALA A 933 19.11 -19.44 -14.43
CA ALA A 933 19.83 -20.46 -13.69
C ALA A 933 20.35 -21.55 -14.61
N LEU A 934 19.49 -22.01 -15.51
CA LEU A 934 19.88 -23.03 -16.46
C LEU A 934 20.96 -22.45 -17.37
N TYR A 935 20.81 -21.20 -17.76
CA TYR A 935 21.78 -20.56 -18.62
C TYR A 935 23.14 -20.46 -17.93
N SER A 936 23.12 -20.12 -16.64
CA SER A 936 24.33 -20.03 -15.86
C SER A 936 25.03 -21.38 -15.69
N LEU A 937 24.24 -22.42 -15.47
CA LEU A 937 24.76 -23.76 -15.28
C LEU A 937 25.29 -24.32 -16.58
N THR A 938 24.57 -24.11 -17.66
CA THR A 938 25.02 -24.58 -18.97
C THR A 938 26.38 -24.00 -19.31
N GLN A 939 26.52 -22.68 -19.14
CA GLN A 939 27.80 -22.04 -19.39
C GLN A 939 28.87 -22.52 -18.43
N PHE A 940 28.49 -22.80 -17.18
CA PHE A 940 29.40 -23.36 -16.19
C PHE A 940 29.93 -24.72 -16.64
N ILE A 941 29.03 -25.60 -17.08
CA ILE A 941 29.42 -26.93 -17.55
C ILE A 941 30.32 -26.81 -18.78
N SER A 942 29.95 -25.94 -19.71
CA SER A 942 30.75 -25.73 -20.91
C SER A 942 32.16 -25.28 -20.57
N VAL A 943 32.28 -24.27 -19.70
CA VAL A 943 33.57 -23.71 -19.36
C VAL A 943 34.39 -24.68 -18.53
N LEU A 944 33.75 -25.52 -17.72
CA LEU A 944 34.49 -26.53 -16.97
C LEU A 944 35.05 -27.60 -17.90
N ILE A 945 34.21 -28.11 -18.81
CA ILE A 945 34.67 -29.09 -19.78
C ILE A 945 35.83 -28.53 -20.59
N LEU A 946 35.77 -27.26 -20.94
CA LEU A 946 36.84 -26.67 -21.75
C LEU A 946 38.09 -26.39 -20.93
N TYR A 947 37.93 -25.93 -19.68
CA TYR A 947 39.06 -25.70 -18.79
C TYR A 947 39.83 -26.98 -18.55
N THR A 948 39.13 -28.11 -18.43
CA THR A 948 39.79 -29.36 -18.13
C THR A 948 40.84 -29.71 -19.17
N ILE A 949 40.64 -29.30 -20.43
CA ILE A 949 41.55 -29.63 -21.51
C ILE A 949 42.42 -28.42 -21.91
N ASN A 950 42.47 -27.39 -21.07
CA ASN A 950 43.31 -26.21 -21.29
C ASN A 950 42.85 -25.40 -22.50
N THR A 951 41.55 -25.17 -22.58
CA THR A 951 40.99 -24.23 -23.53
C THR A 951 39.82 -23.52 -22.88
N ASN A 952 39.20 -22.60 -23.60
CA ASN A 952 38.05 -21.86 -23.11
C ASN A 952 37.06 -21.73 -24.25
N LEU A 953 36.07 -20.87 -24.06
CA LEU A 953 35.01 -20.74 -25.03
C LEU A 953 35.38 -19.74 -26.13
N GLY A 954 35.79 -18.55 -25.75
CA GLY A 954 36.10 -17.56 -26.77
C GLY A 954 35.34 -16.29 -26.50
N ASP A 955 36.04 -15.15 -26.55
CA ASP A 955 35.42 -13.87 -26.20
C ASP A 955 34.21 -13.58 -27.07
N LEU A 956 34.26 -13.90 -28.36
CA LEU A 956 33.11 -13.64 -29.22
C LEU A 956 32.03 -14.69 -29.06
N GLN A 957 32.39 -15.94 -28.78
CA GLN A 957 31.38 -16.93 -28.44
C GLN A 957 30.72 -16.62 -27.11
N PHE A 958 31.53 -16.26 -26.12
CA PHE A 958 31.01 -15.74 -24.87
C PHE A 958 30.06 -14.57 -25.11
N LEU A 959 30.45 -13.64 -25.97
CA LEU A 959 29.64 -12.46 -26.21
C LEU A 959 28.34 -12.82 -26.92
N ALA A 960 28.39 -13.69 -27.92
CA ALA A 960 27.18 -14.18 -28.56
C ALA A 960 26.21 -14.75 -27.53
N ILE A 961 26.68 -15.71 -26.73
CA ILE A 961 25.83 -16.34 -25.72
C ILE A 961 25.30 -15.32 -24.73
N ASP A 962 26.19 -14.50 -24.17
CA ASP A 962 25.81 -13.57 -23.10
C ASP A 962 24.85 -12.51 -23.59
N LEU A 963 25.15 -11.88 -24.72
CA LEU A 963 24.37 -10.76 -25.19
C LEU A 963 23.23 -11.21 -26.10
N VAL A 964 23.55 -11.78 -27.25
CA VAL A 964 22.53 -11.96 -28.28
C VAL A 964 21.47 -12.92 -27.79
N ILE A 965 21.88 -14.16 -27.54
CA ILE A 965 20.94 -15.21 -27.16
C ILE A 965 20.24 -14.84 -25.85
N THR A 966 21.01 -14.52 -24.82
CA THR A 966 20.43 -14.35 -23.49
C THR A 966 19.52 -13.12 -23.42
N THR A 967 19.94 -11.99 -23.99
CA THR A 967 19.11 -10.79 -23.95
C THR A 967 17.85 -10.98 -24.80
N THR A 968 18.00 -11.44 -26.04
CA THR A 968 16.82 -11.72 -26.86
C THR A 968 15.84 -12.62 -26.12
N VAL A 969 16.35 -13.70 -25.54
CA VAL A 969 15.51 -14.69 -24.88
C VAL A 969 14.81 -14.08 -23.67
N ALA A 970 15.55 -13.36 -22.82
CA ALA A 970 14.94 -12.82 -21.63
C ALA A 970 13.85 -11.80 -21.96
N VAL A 971 14.15 -10.89 -22.88
CA VAL A 971 13.20 -9.84 -23.22
C VAL A 971 11.96 -10.42 -23.89
N LEU A 972 12.13 -11.43 -24.75
CA LEU A 972 10.97 -11.96 -25.45
C LEU A 972 10.25 -13.05 -24.67
N MET A 973 10.86 -13.60 -23.62
CA MET A 973 10.14 -14.41 -22.66
C MET A 973 9.26 -13.55 -21.78
N SER A 974 9.79 -12.43 -21.30
CA SER A 974 9.04 -11.54 -20.44
C SER A 974 7.89 -10.86 -21.17
N ARG A 975 7.70 -11.12 -22.45
CA ARG A 975 6.85 -10.30 -23.29
C ARG A 975 5.37 -10.62 -23.11
N THR A 976 5.03 -11.89 -22.92
CA THR A 976 3.65 -12.32 -23.01
C THR A 976 2.81 -11.80 -21.84
N GLY A 977 1.52 -11.58 -22.12
CA GLY A 977 0.62 -10.94 -21.19
C GLY A 977 -0.17 -11.92 -20.36
N PRO A 978 -1.02 -11.39 -19.48
CA PRO A 978 -1.76 -12.25 -18.53
C PRO A 978 -2.93 -12.96 -19.17
N ALA A 979 -3.32 -14.06 -18.55
CA ALA A 979 -4.50 -14.79 -18.95
C ALA A 979 -5.75 -13.96 -18.70
N LEU A 980 -6.81 -14.26 -19.44
CA LEU A 980 -8.01 -13.45 -19.39
C LEU A 980 -8.86 -13.75 -18.16
N VAL A 981 -8.70 -14.92 -17.54
CA VAL A 981 -9.57 -15.39 -16.48
C VAL A 981 -8.74 -15.59 -15.22
N LEU A 982 -9.24 -15.08 -14.09
CA LEU A 982 -8.69 -15.45 -12.79
C LEU A 982 -9.10 -16.88 -12.43
N GLY A 983 -8.14 -17.64 -11.91
CA GLY A 983 -8.39 -18.99 -11.45
C GLY A 983 -8.30 -19.06 -9.94
N ARG A 984 -8.77 -20.19 -9.41
CA ARG A 984 -8.72 -20.40 -7.96
C ARG A 984 -7.31 -20.70 -7.48
N VAL A 985 -6.50 -21.36 -8.30
CA VAL A 985 -5.12 -21.67 -7.95
C VAL A 985 -4.23 -20.49 -8.31
N ARG A 986 -3.38 -20.10 -7.38
CA ARG A 986 -2.44 -19.00 -7.55
C ARG A 986 -1.05 -19.53 -7.84
N PRO A 987 -0.17 -18.72 -8.42
CA PRO A 987 1.18 -19.19 -8.74
C PRO A 987 1.97 -19.52 -7.49
N PRO A 988 2.97 -20.39 -7.59
CA PRO A 988 3.85 -20.64 -6.45
C PRO A 988 4.68 -19.40 -6.14
N GLY A 989 4.86 -19.14 -4.85
CA GLY A 989 5.65 -18.02 -4.39
C GLY A 989 7.03 -18.37 -3.90
N ALA A 990 7.46 -19.63 -4.05
CA ALA A 990 8.74 -20.09 -3.56
C ALA A 990 9.59 -20.55 -4.73
N LEU A 991 10.79 -19.99 -4.86
CA LEU A 991 11.74 -20.47 -5.86
C LEU A 991 12.43 -21.74 -5.41
N LEU A 992 12.54 -21.96 -4.10
CA LEU A 992 13.14 -23.18 -3.57
C LEU A 992 12.18 -24.36 -3.58
N SER A 993 11.06 -24.25 -4.28
CA SER A 993 10.09 -25.32 -4.33
C SER A 993 10.69 -26.58 -4.93
N VAL A 994 10.10 -27.72 -4.57
CA VAL A 994 10.54 -28.99 -5.17
C VAL A 994 10.30 -29.01 -6.68
N PRO A 995 9.18 -28.49 -7.21
CA PRO A 995 9.06 -28.41 -8.69
C PRO A 995 10.19 -27.65 -9.35
N VAL A 996 10.54 -26.47 -8.85
CA VAL A 996 11.56 -25.65 -9.49
C VAL A 996 12.91 -26.35 -9.43
N LEU A 997 13.28 -26.86 -8.26
CA LEU A 997 14.58 -27.51 -8.11
C LEU A 997 14.67 -28.79 -8.92
N SER A 998 13.59 -29.56 -8.95
CA SER A 998 13.58 -30.79 -9.74
C SER A 998 13.69 -30.48 -11.23
N SER A 999 12.97 -29.47 -11.70
CA SER A 999 13.06 -29.06 -13.09
C SER A 999 14.48 -28.63 -13.43
N LEU A 1000 15.06 -27.74 -12.62
CA LEU A 1000 16.42 -27.29 -12.87
C LEU A 1000 17.40 -28.45 -12.89
N LEU A 1001 17.30 -29.34 -11.90
CA LEU A 1001 18.26 -30.44 -11.80
C LEU A 1001 18.15 -31.40 -12.97
N LEU A 1002 16.93 -31.73 -13.39
CA LEU A 1002 16.78 -32.66 -14.50
C LEU A 1002 17.18 -32.04 -15.83
N GLN A 1003 16.82 -30.76 -16.04
CA GLN A 1003 17.25 -30.08 -17.25
C GLN A 1003 18.76 -29.98 -17.31
N MET A 1004 19.42 -29.77 -16.16
CA MET A 1004 20.86 -29.69 -16.15
C MET A 1004 21.49 -31.06 -16.33
N VAL A 1005 20.87 -32.12 -15.82
CA VAL A 1005 21.34 -33.46 -16.11
C VAL A 1005 21.32 -33.72 -17.61
N LEU A 1006 20.23 -33.33 -18.27
CA LEU A 1006 20.14 -33.54 -19.71
C LEU A 1006 21.15 -32.69 -20.46
N VAL A 1007 21.36 -31.45 -20.03
CA VAL A 1007 22.33 -30.56 -20.66
C VAL A 1007 23.74 -31.11 -20.53
N THR A 1008 24.12 -31.49 -19.31
CA THR A 1008 25.44 -32.07 -19.07
C THR A 1008 25.62 -33.36 -19.86
N GLY A 1009 24.58 -34.18 -19.93
CA GLY A 1009 24.68 -35.41 -20.69
C GLY A 1009 24.89 -35.17 -22.17
N VAL A 1010 24.15 -34.22 -22.73
CA VAL A 1010 24.30 -33.93 -24.16
C VAL A 1010 25.68 -33.34 -24.44
N GLN A 1011 26.16 -32.43 -23.59
CA GLN A 1011 27.45 -31.82 -23.82
C GLN A 1011 28.59 -32.84 -23.69
N LEU A 1012 28.54 -33.68 -22.65
CA LEU A 1012 29.57 -34.69 -22.47
C LEU A 1012 29.50 -35.76 -23.56
N GLY A 1013 28.30 -36.12 -24.00
CA GLY A 1013 28.17 -37.07 -25.08
C GLY A 1013 28.72 -36.54 -26.39
N GLY A 1014 28.44 -35.27 -26.69
CA GLY A 1014 29.02 -34.68 -27.88
C GLY A 1014 30.53 -34.57 -27.80
N TYR A 1015 31.04 -34.23 -26.62
CA TYR A 1015 32.49 -34.14 -26.45
C TYR A 1015 33.15 -35.49 -26.64
N PHE A 1016 32.57 -36.55 -26.08
CA PHE A 1016 33.18 -37.87 -26.18
C PHE A 1016 32.89 -38.55 -27.52
N LEU A 1017 31.87 -38.10 -28.25
CA LEU A 1017 31.69 -38.54 -29.62
C LEU A 1017 32.67 -37.85 -30.56
N THR A 1018 33.01 -36.60 -30.27
CA THR A 1018 34.02 -35.90 -31.06
C THR A 1018 35.39 -36.54 -30.90
N LEU A 1019 35.74 -36.94 -29.68
CA LEU A 1019 37.03 -37.59 -29.44
C LEU A 1019 37.13 -38.96 -30.11
N ALA A 1020 36.01 -39.59 -30.42
CA ALA A 1020 36.00 -40.91 -31.03
C ALA A 1020 36.07 -40.86 -32.54
N GLN A 1021 36.09 -39.69 -33.14
CA GLN A 1021 36.09 -39.57 -34.58
C GLN A 1021 37.48 -39.83 -35.16
N PRO A 1022 37.56 -40.43 -36.35
CA PRO A 1022 38.87 -40.64 -36.96
C PRO A 1022 39.56 -39.37 -37.41
N TRP A 1023 38.80 -38.35 -37.80
CA TRP A 1023 39.36 -37.07 -38.22
C TRP A 1023 39.70 -36.17 -37.04
N PHE A 1024 39.42 -36.58 -35.82
CA PHE A 1024 39.61 -35.73 -34.66
C PHE A 1024 41.09 -35.61 -34.31
N VAL A 1025 41.52 -34.38 -34.04
CA VAL A 1025 42.88 -34.10 -33.60
C VAL A 1025 42.81 -33.32 -32.30
N PRO A 1026 43.64 -33.63 -31.31
CA PRO A 1026 43.64 -32.85 -30.06
C PRO A 1026 44.00 -31.38 -30.26
N LEU A 1027 43.98 -30.61 -29.16
CA LEU A 1027 43.84 -29.17 -29.22
C LEU A 1027 45.12 -28.39 -28.94
N ASN A 1028 46.28 -29.04 -28.91
CA ASN A 1028 47.54 -28.35 -28.61
C ASN A 1028 47.49 -27.69 -27.23
N ARG A 1029 47.44 -28.56 -26.22
CA ARG A 1029 47.33 -28.12 -24.84
C ARG A 1029 48.49 -27.24 -24.38
N THR A 1030 49.60 -27.20 -25.12
CA THR A 1030 50.75 -26.43 -24.69
C THR A 1030 50.44 -24.95 -24.57
N VAL A 1031 49.58 -24.43 -25.44
CA VAL A 1031 49.07 -23.08 -25.33
C VAL A 1031 47.70 -23.11 -24.69
N ALA A 1032 47.27 -21.96 -24.17
CA ALA A 1032 45.95 -21.82 -23.58
C ALA A 1032 45.09 -20.92 -24.46
N ALA A 1033 43.80 -20.88 -24.15
CA ALA A 1033 42.88 -20.08 -24.94
C ALA A 1033 43.20 -18.60 -24.76
N PRO A 1034 42.92 -17.76 -25.78
CA PRO A 1034 42.35 -18.11 -27.08
C PRO A 1034 43.39 -18.50 -28.12
N ASP A 1035 44.58 -18.92 -27.68
CA ASP A 1035 45.64 -19.22 -28.63
C ASP A 1035 45.40 -20.55 -29.33
N ASN A 1036 44.84 -21.53 -28.62
CA ASN A 1036 44.55 -22.83 -29.22
C ASN A 1036 43.24 -22.86 -29.98
N LEU A 1037 42.52 -21.75 -30.05
CA LEU A 1037 41.31 -21.65 -30.85
C LEU A 1037 41.65 -21.21 -32.27
N PRO A 1038 40.96 -21.74 -33.29
CA PRO A 1038 39.85 -22.70 -33.21
C PRO A 1038 40.31 -24.15 -33.05
N ASN A 1039 39.52 -24.93 -32.33
CA ASN A 1039 39.77 -26.36 -32.21
C ASN A 1039 38.44 -27.10 -32.17
N TYR A 1040 38.49 -28.41 -32.41
CA TYR A 1040 37.28 -29.20 -32.53
C TYR A 1040 36.49 -29.25 -31.23
N GLU A 1041 37.19 -29.29 -30.10
CA GLU A 1041 36.51 -29.44 -28.82
C GLU A 1041 35.65 -28.23 -28.49
N ASN A 1042 36.23 -27.03 -28.54
CA ASN A 1042 35.45 -25.83 -28.31
C ASN A 1042 34.35 -25.70 -29.36
N THR A 1043 34.64 -26.06 -30.61
CA THR A 1043 33.65 -25.95 -31.67
C THR A 1043 32.42 -26.77 -31.36
N VAL A 1044 32.61 -28.04 -30.98
CA VAL A 1044 31.49 -28.92 -30.70
C VAL A 1044 30.78 -28.50 -29.42
N VAL A 1045 31.54 -28.12 -28.38
CA VAL A 1045 30.92 -27.74 -27.13
C VAL A 1045 30.07 -26.49 -27.30
N PHE A 1046 30.58 -25.52 -28.06
CA PHE A 1046 29.81 -24.31 -28.34
C PHE A 1046 28.60 -24.60 -29.21
N SER A 1047 28.77 -25.43 -30.25
CA SER A 1047 27.66 -25.76 -31.12
C SER A 1047 26.54 -26.45 -30.36
N LEU A 1048 26.87 -27.26 -29.37
CA LEU A 1048 25.83 -27.92 -28.58
C LEU A 1048 25.19 -26.96 -27.58
N SER A 1049 26.02 -26.27 -26.79
CA SER A 1049 25.49 -25.41 -25.73
C SER A 1049 24.68 -24.26 -26.30
N SER A 1050 25.06 -23.73 -27.46
CA SER A 1050 24.33 -22.62 -28.05
C SER A 1050 22.91 -23.00 -28.41
N PHE A 1051 22.71 -24.24 -28.87
CA PHE A 1051 21.36 -24.74 -29.07
C PHE A 1051 20.67 -24.99 -27.74
N GLN A 1052 21.42 -25.48 -26.75
CA GLN A 1052 20.84 -25.76 -25.45
C GLN A 1052 20.23 -24.50 -24.81
N TYR A 1053 20.84 -23.35 -25.02
CA TYR A 1053 20.30 -22.11 -24.46
C TYR A 1053 18.91 -21.83 -25.00
N LEU A 1054 18.72 -21.96 -26.30
CA LEU A 1054 17.40 -21.75 -26.90
C LEU A 1054 16.42 -22.82 -26.46
N ILE A 1055 16.88 -24.06 -26.36
CA ILE A 1055 16.01 -25.15 -25.92
C ILE A 1055 15.48 -24.87 -24.51
N LEU A 1056 16.36 -24.48 -23.60
CA LEU A 1056 15.95 -24.21 -22.23
C LEU A 1056 15.06 -22.98 -22.16
N ALA A 1057 15.37 -21.96 -22.96
CA ALA A 1057 14.51 -20.80 -23.09
C ALA A 1057 13.09 -21.20 -23.43
N ALA A 1058 12.93 -22.02 -24.47
CA ALA A 1058 11.60 -22.44 -24.89
C ALA A 1058 10.94 -23.37 -23.88
N ALA A 1059 11.73 -24.17 -23.17
CA ALA A 1059 11.16 -25.18 -22.27
C ALA A 1059 10.67 -24.57 -20.97
N VAL A 1060 11.37 -23.59 -20.42
CA VAL A 1060 10.94 -23.02 -19.14
C VAL A 1060 9.75 -22.09 -19.30
N SER A 1061 9.43 -21.66 -20.52
CA SER A 1061 8.32 -20.76 -20.73
C SER A 1061 6.99 -21.51 -20.64
N LYS A 1062 5.99 -20.85 -20.08
CA LYS A 1062 4.68 -21.45 -19.86
C LYS A 1062 3.59 -20.55 -20.41
N GLY A 1063 2.39 -21.12 -20.53
CA GLY A 1063 1.22 -20.38 -20.92
C GLY A 1063 0.17 -20.36 -19.82
N ALA A 1064 -0.91 -21.12 -20.03
CA ALA A 1064 -1.95 -21.26 -19.03
C ALA A 1064 -1.36 -21.79 -17.72
N PRO A 1065 -1.97 -21.46 -16.57
CA PRO A 1065 -3.20 -20.67 -16.41
C PRO A 1065 -2.98 -19.18 -16.15
N PHE A 1066 -1.74 -18.74 -15.95
CA PHE A 1066 -1.46 -17.37 -15.57
C PHE A 1066 -1.00 -16.50 -16.72
N ARG A 1067 -0.76 -17.06 -17.90
CA ARG A 1067 -0.34 -16.31 -19.06
C ARG A 1067 -1.17 -16.72 -20.26
N ARG A 1068 -1.05 -15.95 -21.33
CA ARG A 1068 -1.59 -16.35 -22.61
C ARG A 1068 -0.78 -17.52 -23.14
N PRO A 1069 -1.35 -18.31 -24.06
CA PRO A 1069 -0.64 -19.47 -24.58
C PRO A 1069 0.71 -19.09 -25.19
N LEU A 1070 1.66 -20.02 -25.09
CA LEU A 1070 3.02 -19.74 -25.53
C LEU A 1070 3.10 -19.55 -27.04
N TYR A 1071 2.22 -20.20 -27.80
CA TYR A 1071 2.24 -20.03 -29.25
C TYR A 1071 1.77 -18.64 -29.67
N THR A 1072 1.11 -17.90 -28.79
CA THR A 1072 0.73 -16.54 -29.11
C THR A 1072 1.90 -15.58 -29.02
N ASN A 1073 3.01 -15.99 -28.40
CA ASN A 1073 4.22 -15.18 -28.33
C ASN A 1073 4.98 -15.36 -29.64
N VAL A 1074 4.48 -14.69 -30.67
CA VAL A 1074 5.02 -14.80 -32.02
C VAL A 1074 6.41 -14.19 -32.10
N PRO A 1075 6.68 -13.01 -31.52
CA PRO A 1075 8.07 -12.52 -31.53
C PRO A 1075 9.06 -13.49 -30.90
N PHE A 1076 8.69 -14.13 -29.79
CA PHE A 1076 9.61 -15.05 -29.13
C PHE A 1076 9.84 -16.30 -29.96
N LEU A 1077 8.79 -16.85 -30.55
CA LEU A 1077 8.96 -18.05 -31.38
C LEU A 1077 9.75 -17.73 -32.64
N VAL A 1078 9.50 -16.57 -33.25
CA VAL A 1078 10.26 -16.18 -34.43
C VAL A 1078 11.73 -15.96 -34.07
N ALA A 1079 11.99 -15.37 -32.90
CA ALA A 1079 13.38 -15.19 -32.47
C ALA A 1079 14.07 -16.52 -32.21
N LEU A 1080 13.37 -17.45 -31.55
CA LEU A 1080 13.92 -18.78 -31.34
C LEU A 1080 14.24 -19.46 -32.66
N ALA A 1081 13.32 -19.37 -33.63
CA ALA A 1081 13.55 -20.00 -34.93
C ALA A 1081 14.70 -19.34 -35.67
N LEU A 1082 14.83 -18.02 -35.60
CA LEU A 1082 15.90 -17.33 -36.30
C LEU A 1082 17.25 -17.63 -35.69
N LEU A 1083 17.34 -17.62 -34.35
CA LEU A 1083 18.60 -17.98 -33.71
C LEU A 1083 18.95 -19.43 -33.96
N SER A 1084 17.95 -20.32 -33.97
CA SER A 1084 18.20 -21.71 -34.30
C SER A 1084 18.72 -21.87 -35.72
N SER A 1085 18.18 -21.08 -36.66
CA SER A 1085 18.65 -21.14 -38.04
C SER A 1085 20.05 -20.60 -38.17
N VAL A 1086 20.39 -19.57 -37.41
CA VAL A 1086 21.76 -19.05 -37.40
C VAL A 1086 22.72 -20.11 -36.88
N LEU A 1087 22.33 -20.82 -35.83
CA LEU A 1087 23.20 -21.86 -35.28
C LEU A 1087 23.31 -23.06 -36.21
N VAL A 1088 22.22 -23.41 -36.89
CA VAL A 1088 22.26 -24.49 -37.87
C VAL A 1088 23.15 -24.10 -39.04
N GLY A 1089 23.20 -22.81 -39.39
CA GLY A 1089 24.14 -22.37 -40.39
C GLY A 1089 25.57 -22.41 -39.90
N LEU A 1090 25.79 -22.07 -38.63
CA LEU A 1090 27.12 -22.20 -38.04
C LEU A 1090 27.60 -23.64 -38.11
N VAL A 1091 26.70 -24.60 -37.89
CA VAL A 1091 27.09 -25.99 -37.89
C VAL A 1091 27.26 -26.52 -39.32
N LEU A 1092 26.38 -26.13 -40.23
CA LEU A 1092 26.32 -26.73 -41.56
C LEU A 1092 27.08 -25.93 -42.61
N VAL A 1093 26.90 -24.62 -42.65
CA VAL A 1093 27.51 -23.79 -43.69
C VAL A 1093 28.98 -23.58 -43.36
N PRO A 1094 29.90 -23.99 -44.23
CA PRO A 1094 31.33 -23.82 -43.95
C PRO A 1094 31.72 -22.34 -43.96
N GLY A 1095 32.64 -21.99 -43.07
CA GLY A 1095 33.15 -20.64 -42.99
C GLY A 1095 32.16 -19.60 -42.52
N LEU A 1096 30.98 -20.00 -42.09
CA LEU A 1096 29.96 -19.04 -41.64
C LEU A 1096 30.31 -18.59 -40.23
N LEU A 1097 30.73 -17.32 -40.10
CA LEU A 1097 31.07 -16.71 -38.81
C LEU A 1097 32.09 -17.54 -38.03
N GLN A 1098 32.83 -18.41 -38.72
CA GLN A 1098 33.83 -19.23 -38.04
C GLN A 1098 35.12 -18.48 -37.82
N GLY A 1099 35.41 -17.49 -38.65
CA GLY A 1099 36.49 -16.58 -38.40
C GLY A 1099 36.22 -15.74 -37.16
N PRO A 1100 35.11 -14.99 -37.16
CA PRO A 1100 34.76 -14.23 -35.96
C PRO A 1100 34.62 -15.07 -34.71
N LEU A 1101 33.77 -16.10 -34.74
CA LEU A 1101 33.53 -16.93 -33.56
C LEU A 1101 34.66 -17.92 -33.29
N ALA A 1102 35.75 -17.86 -34.05
CA ALA A 1102 36.91 -18.73 -33.85
C ALA A 1102 36.49 -20.20 -33.83
N LEU A 1103 35.70 -20.58 -34.81
CA LEU A 1103 35.21 -21.95 -34.93
C LEU A 1103 36.05 -22.74 -35.91
N ARG A 1104 36.03 -24.05 -35.74
CA ARG A 1104 36.78 -24.97 -36.59
C ARG A 1104 35.82 -25.63 -37.56
N ASN A 1105 36.26 -25.76 -38.81
CA ASN A 1105 35.44 -26.38 -39.84
C ASN A 1105 35.50 -27.89 -39.72
N ILE A 1106 34.33 -28.52 -39.64
CA ILE A 1106 34.21 -29.97 -39.63
C ILE A 1106 33.64 -30.39 -40.97
N THR A 1107 34.38 -31.21 -41.70
CA THR A 1107 33.97 -31.62 -43.04
C THR A 1107 33.07 -32.84 -43.04
N ASP A 1108 33.05 -33.63 -41.97
CA ASP A 1108 32.20 -34.80 -41.88
C ASP A 1108 30.75 -34.34 -41.73
N THR A 1109 29.95 -34.50 -42.77
CA THR A 1109 28.56 -34.10 -42.70
C THR A 1109 27.74 -35.06 -41.85
N GLY A 1110 28.12 -36.34 -41.83
CA GLY A 1110 27.45 -37.27 -40.95
C GLY A 1110 27.61 -36.92 -39.49
N PHE A 1111 28.78 -36.42 -39.09
CA PHE A 1111 28.99 -36.02 -37.72
C PHE A 1111 28.20 -34.76 -37.37
N LYS A 1112 28.08 -33.84 -38.32
CA LYS A 1112 27.26 -32.65 -38.08
C LYS A 1112 25.79 -33.01 -37.97
N LEU A 1113 25.34 -33.98 -38.77
CA LEU A 1113 23.97 -34.46 -38.61
C LEU A 1113 23.79 -35.21 -37.30
N LEU A 1114 24.82 -35.90 -36.82
CA LEU A 1114 24.76 -36.52 -35.50
C LEU A 1114 24.65 -35.46 -34.41
N LEU A 1115 25.38 -34.36 -34.52
CA LEU A 1115 25.27 -33.27 -33.56
C LEU A 1115 23.89 -32.64 -33.59
N LEU A 1116 23.34 -32.43 -34.78
CA LEU A 1116 22.00 -31.87 -34.89
C LEU A 1116 20.95 -32.84 -34.34
N GLY A 1117 21.14 -34.14 -34.54
CA GLY A 1117 20.26 -35.10 -33.92
C GLY A 1117 20.38 -35.12 -32.41
N LEU A 1118 21.58 -34.88 -31.90
CA LEU A 1118 21.77 -34.79 -30.46
C LEU A 1118 21.09 -33.56 -29.88
N VAL A 1119 21.14 -32.44 -30.59
CA VAL A 1119 20.44 -31.25 -30.08
C VAL A 1119 18.94 -31.40 -30.24
N THR A 1120 18.48 -32.15 -31.25
CA THR A 1120 17.06 -32.46 -31.35
C THR A 1120 16.62 -33.37 -30.22
N LEU A 1121 17.45 -34.35 -29.88
CA LEU A 1121 17.21 -35.16 -28.70
C LEU A 1121 17.09 -34.32 -27.45
N ASN A 1122 17.98 -33.34 -27.28
CA ASN A 1122 17.92 -32.49 -26.10
C ASN A 1122 16.66 -31.63 -26.11
N PHE A 1123 16.26 -31.12 -27.27
CA PHE A 1123 15.02 -30.35 -27.38
C PHE A 1123 13.81 -31.16 -26.95
N VAL A 1124 13.64 -32.33 -27.58
CA VAL A 1124 12.51 -33.19 -27.27
C VAL A 1124 12.55 -33.61 -25.81
N GLY A 1125 13.72 -33.97 -25.30
CA GLY A 1125 13.82 -34.40 -23.92
C GLY A 1125 13.53 -33.30 -22.93
N ALA A 1126 13.95 -32.08 -23.23
CA ALA A 1126 13.67 -30.96 -22.33
C ALA A 1126 12.17 -30.67 -22.27
N PHE A 1127 11.50 -30.68 -23.43
CA PHE A 1127 10.07 -30.44 -23.42
C PHE A 1127 9.32 -31.57 -22.74
N MET A 1128 9.74 -32.82 -22.96
CA MET A 1128 9.09 -33.94 -22.29
C MET A 1128 9.34 -33.91 -20.80
N LEU A 1129 10.53 -33.51 -20.37
CA LEU A 1129 10.80 -33.37 -18.95
C LEU A 1129 9.92 -32.31 -18.32
N GLU A 1130 9.80 -31.16 -18.97
CA GLU A 1130 8.94 -30.10 -18.44
C GLU A 1130 7.50 -30.56 -18.34
N SER A 1131 6.99 -31.24 -19.37
CA SER A 1131 5.61 -31.70 -19.34
C SER A 1131 5.40 -32.76 -18.26
N VAL A 1132 6.28 -33.75 -18.20
CA VAL A 1132 6.15 -34.82 -17.22
C VAL A 1132 6.20 -34.27 -15.81
N LEU A 1133 7.13 -33.33 -15.55
CA LEU A 1133 7.19 -32.71 -14.24
C LEU A 1133 5.91 -31.97 -13.93
N ASP A 1134 5.59 -30.95 -14.73
CA ASP A 1134 4.42 -30.12 -14.48
C ASP A 1134 3.13 -30.93 -14.34
N GLN A 1135 3.08 -32.11 -14.95
CA GLN A 1135 1.86 -32.91 -14.84
C GLN A 1135 1.89 -33.85 -13.63
N CYS A 1136 2.90 -34.72 -13.54
CA CYS A 1136 2.88 -35.81 -12.57
C CYS A 1136 3.64 -35.53 -11.28
N LEU A 1137 4.39 -34.44 -11.19
CA LEU A 1137 5.15 -34.19 -9.97
C LEU A 1137 4.25 -33.77 -8.81
N PRO A 1138 3.23 -32.92 -9.02
CA PRO A 1138 2.32 -32.64 -7.89
C PRO A 1138 1.60 -33.87 -7.37
N ALA A 1139 1.09 -34.73 -8.26
CA ALA A 1139 0.42 -35.94 -7.83
C ALA A 1139 1.36 -36.83 -7.03
N CYS A 1140 2.62 -36.96 -7.47
CA CYS A 1140 3.57 -37.80 -6.76
C CYS A 1140 3.93 -37.18 -5.41
N LEU A 1141 4.07 -35.85 -5.36
CA LEU A 1141 4.39 -35.20 -4.10
C LEU A 1141 3.24 -35.33 -3.10
N ARG A 1142 2.01 -35.37 -3.60
CA ARG A 1142 0.87 -35.54 -2.70
C ARG A 1142 0.74 -36.99 -2.22
N ARG A 1143 0.69 -37.93 -3.15
CA ARG A 1143 0.47 -39.32 -2.79
C ARG A 1143 1.68 -39.93 -2.08
N LEU A 1144 2.87 -39.34 -2.26
CA LEU A 1144 4.07 -39.89 -1.66
C LEU A 1144 4.24 -39.44 -0.22
N ARG A 1145 4.28 -38.13 0.01
CA ARG A 1145 4.42 -37.56 1.34
C ARG A 1145 3.33 -36.51 1.54
N PRO A 1146 2.30 -36.80 2.34
CA PRO A 1146 1.21 -35.83 2.51
C PRO A 1146 1.59 -34.73 3.49
N LYS A 1147 1.38 -33.49 3.08
CA LYS A 1147 1.64 -32.32 3.93
C LYS A 1147 0.33 -31.94 4.59
N ARG A 1148 0.11 -32.44 5.80
CA ARG A 1148 -1.14 -32.18 6.50
C ARG A 1148 -1.18 -30.77 7.09
N ALA A 1149 -0.03 -30.17 7.35
CA ALA A 1149 0.06 -28.87 7.99
C ALA A 1149 0.78 -27.90 7.07
N SER A 1150 0.14 -26.77 6.77
CA SER A 1150 0.76 -25.74 5.97
C SER A 1150 1.66 -24.86 6.83
N LYS A 1151 2.62 -24.21 6.17
CA LYS A 1151 3.50 -23.28 6.88
C LYS A 1151 2.76 -22.00 7.27
N LYS A 1152 1.75 -21.61 6.49
CA LYS A 1152 1.02 -20.39 6.76
C LYS A 1152 0.30 -20.47 8.10
N ARG A 1153 0.39 -19.40 8.89
CA ARG A 1153 -0.25 -19.37 10.20
C ARG A 1153 -1.76 -19.30 10.07
N PHE A 1154 -2.26 -18.57 9.07
CA PHE A 1154 -3.70 -18.43 8.93
C PHE A 1154 -4.35 -19.71 8.43
N LYS A 1155 -3.63 -20.53 7.67
CA LYS A 1155 -4.18 -21.82 7.26
C LYS A 1155 -4.27 -22.78 8.43
N GLN A 1156 -3.27 -22.77 9.31
CA GLN A 1156 -3.36 -23.55 10.54
C GLN A 1156 -4.51 -23.07 11.42
N LEU A 1157 -4.70 -21.75 11.48
CA LEU A 1157 -5.82 -21.21 12.25
C LEU A 1157 -7.16 -21.61 11.66
N GLU A 1158 -7.28 -21.60 10.33
CA GLU A 1158 -8.49 -22.05 9.68
C GLU A 1158 -8.74 -23.53 9.94
N ARG A 1159 -7.66 -24.33 9.96
CA ARG A 1159 -7.80 -25.74 10.27
C ARG A 1159 -8.35 -25.95 11.67
N GLU A 1160 -7.75 -25.29 12.66
CA GLU A 1160 -8.22 -25.47 14.04
C GLU A 1160 -9.53 -24.80 14.33
N LEU A 1161 -9.96 -23.85 13.50
CA LEU A 1161 -11.30 -23.30 13.63
C LEU A 1161 -12.34 -24.22 12.99
N ALA A 1162 -11.99 -24.86 11.88
CA ALA A 1162 -12.87 -25.87 11.32
C ALA A 1162 -13.01 -27.05 12.27
N GLU A 1163 -11.93 -27.43 12.94
CA GLU A 1163 -12.01 -28.48 13.94
C GLU A 1163 -12.84 -28.04 15.14
N GLN A 1164 -12.49 -26.89 15.73
CA GLN A 1164 -13.21 -26.33 16.86
C GLN A 1164 -13.58 -24.89 16.55
N PRO A 1165 -14.82 -24.63 16.14
CA PRO A 1165 -15.26 -23.23 15.96
C PRO A 1165 -15.14 -22.46 17.26
N TRP A 1166 -14.45 -21.31 17.19
CA TRP A 1166 -14.17 -20.56 18.42
C TRP A 1166 -15.45 -20.09 19.10
N PRO A 1167 -16.26 -19.20 18.52
CA PRO A 1167 -17.47 -18.78 19.21
C PRO A 1167 -18.54 -19.86 19.11
N PRO A 1168 -18.90 -20.50 20.23
CA PRO A 1168 -19.88 -21.59 20.20
C PRO A 1168 -21.29 -21.11 19.92
AL ALF B . -13.72 4.77 4.53
F1 ALF B . -13.65 3.75 5.94
F2 ALF B . -13.77 5.88 3.13
F3 ALF B . -12.28 5.61 5.06
F4 ALF B . -15.25 3.99 4.16
MG MG C . -12.96 6.58 1.48
N1 SPM D . 29.01 -14.46 -18.04
C2 SPM D . 30.46 -14.43 -17.86
C3 SPM D . 31.19 -14.48 -19.21
C4 SPM D . 32.69 -14.47 -18.95
N5 SPM D . 33.40 -14.09 -20.17
C6 SPM D . 34.73 -14.72 -20.09
C7 SPM D . 35.65 -14.26 -21.21
C8 SPM D . 37.03 -14.86 -20.94
C9 SPM D . 38.03 -14.31 -21.97
N10 SPM D . 39.44 -14.54 -21.65
C11 SPM D . 40.11 -13.59 -22.54
C12 SPM D . 41.60 -13.89 -22.69
C13 SPM D . 42.29 -12.67 -23.32
N14 SPM D . 43.56 -13.05 -23.94
HN11 SPM D . 28.76 -13.62 -18.56
HN12 SPM D . 28.81 -15.24 -18.65
H21 SPM D . 30.74 -13.50 -17.36
H22 SPM D . 30.78 -15.27 -17.25
H31 SPM D . 30.90 -15.39 -19.74
H32 SPM D . 30.91 -13.61 -19.80
H41 SPM D . 32.92 -13.76 -18.16
H42 SPM D . 33.00 -15.47 -18.63
HN5 SPM D . 32.91 -14.52 -20.94
H61 SPM D . 35.20 -14.46 -19.14
H62 SPM D . 34.61 -15.79 -20.16
H71 SPM D . 35.28 -14.59 -22.18
H72 SPM D . 35.72 -13.17 -21.21
H81 SPM D . 37.33 -14.56 -19.95
H82 SPM D . 36.98 -15.94 -21.01
H91 SPM D . 37.81 -14.79 -22.93
H92 SPM D . 37.87 -13.24 -22.04
HN0 SPM D . 39.67 -15.45 -21.99
H111 SPM D . 39.65 -13.63 -23.52
H112 SPM D . 40.00 -12.57 -22.14
H121 SPM D . 42.03 -14.09 -21.72
H122 SPM D . 41.74 -14.76 -23.34
H131 SPM D . 41.63 -12.24 -24.07
H132 SPM D . 42.47 -11.93 -22.54
HN41 SPM D . 43.35 -13.76 -24.64
HN42 SPM D . 44.11 -13.49 -23.22
CAA Y01 E . 28.88 -8.61 -32.45
CBA Y01 E . 27.65 -9.12 -31.69
CAB Y01 E . 28.11 -10.12 -30.60
CAN Y01 E . 26.78 -7.97 -31.11
CAJ Y01 E . 25.24 -8.15 -31.18
CAO Y01 E . 24.40 -6.86 -31.12
CBB Y01 E . 23.36 -6.83 -29.99
CAC Y01 E . 23.37 -5.49 -29.22
CBE Y01 E . 21.97 -7.13 -30.59
CAP Y01 E . 21.83 -8.49 -31.34
CAQ Y01 E . 20.47 -9.07 -31.02
CBG Y01 E . 19.79 -7.82 -30.49
CBI Y01 E . 20.83 -7.19 -29.54
CAE Y01 E . 21.17 -8.04 -28.26
CAU Y01 E . 20.32 -5.85 -29.02
CAS Y01 E . 19.03 -6.09 -28.29
CBF Y01 E . 18.00 -6.76 -29.20
CBD Y01 E . 18.52 -8.09 -29.73
CAK Y01 E . 17.55 -8.62 -30.78
CAI Y01 E . 16.26 -8.85 -30.08
CAZ Y01 E . 15.78 -8.10 -29.07
CAV Y01 E . 14.30 -8.05 -28.64
CBH Y01 E . 16.65 -7.04 -28.47
CAD Y01 E . 16.94 -7.64 -27.07
CAT Y01 E . 15.88 -5.72 -28.38
CAR Y01 E . 14.46 -5.75 -27.79
CBC Y01 E . 13.55 -6.67 -28.59
OAW Y01 E . 12.25 -6.69 -27.97
CAY Y01 E . 11.26 -5.72 -28.26
OAG Y01 E . 11.52 -5.02 -29.22
CAM Y01 E . 9.94 -5.49 -27.45
CAL Y01 E . 8.64 -5.45 -28.31
CAX Y01 E . 7.36 -6.12 -27.67
OAH Y01 E . 6.25 -5.69 -28.04
OAF Y01 E . 7.54 -7.05 -26.85
HAA1 Y01 E . 28.70 -8.30 -33.35
HAA2 Y01 E . 29.32 -7.85 -32.03
HAA3 Y01 E . 29.60 -9.27 -32.54
HBA Y01 E . 27.12 -9.62 -32.33
HAB1 Y01 E . 28.87 -10.66 -30.88
HAB2 Y01 E . 28.38 -9.69 -29.77
HAB3 Y01 E . 27.44 -10.76 -30.35
HAN1 Y01 E . 27.01 -7.14 -31.56
HAN2 Y01 E . 27.03 -7.82 -30.19
HAJ1 Y01 E . 25.00 -8.62 -32.00
HAJ2 Y01 E . 24.94 -8.74 -30.46
HAO1 Y01 E . 24.95 -6.06 -31.06
HAO2 Y01 E . 23.94 -6.74 -31.97
HBB Y01 E . 23.52 -7.54 -29.36
HAC1 Y01 E . 24.21 -5.01 -29.20
HAC2 Y01 E . 22.76 -4.83 -29.57
HAC3 Y01 E . 23.15 -5.59 -28.28
HBE Y01 E . 21.73 -6.42 -31.21
HAP1 Y01 E . 21.90 -8.41 -32.30
HAP2 Y01 E . 22.51 -9.11 -31.04
HAQ1 Y01 E . 20.47 -9.80 -30.39
HAQ2 Y01 E . 19.97 -9.47 -31.73
HBG Y01 E . 19.50 -7.28 -31.23
HBD Y01 E . 18.72 -8.81 -29.12
HAE1 Y01 E . 21.50 -7.50 -27.51
HAE2 Y01 E . 21.77 -8.78 -28.39
HAE3 Y01 E . 20.42 -8.45 -27.81
HAU1 Y01 E . 20.16 -5.17 -29.70
HAU2 Y01 E . 20.94 -5.53 -28.36
HAS1 Y01 E . 18.82 -5.22 -27.90
HAS2 Y01 E . 19.20 -6.62 -27.52
HBF Y01 E . 17.93 -6.19 -29.97
HAK1 Y01 E . 17.54 -8.01 -31.54
HAK2 Y01 E . 17.97 -9.36 -31.19
HAI Y01 E . 15.81 -9.50 -30.57
HAV1 Y01 E . 13.79 -8.66 -29.19
HAV2 Y01 E . 14.31 -8.42 -27.74
HBC Y01 E . 13.50 -6.31 -29.50
HAD1 Y01 E . 16.28 -8.32 -26.91
HAD2 Y01 E . 17.76 -8.14 -26.99
HAD3 Y01 E . 16.85 -7.02 -26.33
HAT1 Y01 E . 16.38 -5.07 -27.87
HAT2 Y01 E . 15.83 -5.33 -29.27
HAR1 Y01 E . 14.08 -4.85 -27.82
HAR2 Y01 E . 14.49 -5.96 -26.85
HAM1 Y01 E . 9.82 -6.21 -26.82
HAM2 Y01 E . 9.95 -4.69 -26.92
HAL1 Y01 E . 8.77 -5.87 -29.17
HAL2 Y01 E . 8.40 -4.54 -28.52
CAA Y01 F . 22.18 -4.96 -23.07
CBA Y01 F . 21.08 -4.22 -23.85
CAB Y01 F . 21.34 -4.39 -25.35
CAN Y01 F . 19.65 -4.66 -23.44
CAJ Y01 F . 18.46 -3.82 -24.00
CAO Y01 F . 17.06 -4.36 -23.67
CBB Y01 F . 15.91 -3.39 -24.02
CAC Y01 F . 15.78 -3.17 -25.55
CBE Y01 F . 14.61 -3.94 -23.40
CAP Y01 F . 14.60 -4.05 -21.85
CAQ Y01 F . 13.23 -3.69 -21.34
CBG Y01 F . 12.45 -3.78 -22.64
CBI Y01 F . 13.35 -3.09 -23.69
CAE Y01 F . 13.57 -1.54 -23.52
CAU Y01 F . 12.73 -3.26 -25.08
CAS Y01 F . 11.36 -2.62 -25.05
CBF Y01 F . 10.48 -3.22 -23.96
CBD Y01 F . 11.13 -3.07 -22.58
CAK Y01 F . 10.31 -3.85 -21.54
CAI Y01 F . 8.93 -3.30 -21.57
CAZ Y01 F . 8.31 -2.81 -22.65
CAV Y01 F . 6.81 -2.49 -22.77
CBH Y01 F . 9.11 -2.52 -23.89
CAD Y01 F . 9.31 -0.99 -23.77
CAT Y01 F . 8.30 -2.89 -25.13
CAR Y01 F . 6.91 -2.32 -25.24
CBC Y01 F . 6.02 -2.82 -24.11
OAW Y01 F . 4.73 -2.19 -24.25
CAY Y01 F . 3.56 -2.77 -23.75
OAG Y01 F . 3.73 -3.73 -23.03
CAM Y01 F . 2.11 -2.27 -24.02
CAL Y01 F . 1.01 -3.35 -23.88
CAX Y01 F . -0.44 -2.83 -23.52
OAH Y01 F . -0.51 -1.73 -22.94
OAF Y01 F . -1.42 -3.55 -23.83
HAA1 Y01 F . 21.84 -5.51 -22.35
HAA2 Y01 F . 22.82 -4.37 -22.63
HAA3 Y01 F . 22.73 -5.55 -23.62
HBA Y01 F . 21.19 -3.27 -23.65
HAB1 Y01 F . 20.59 -4.10 -25.91
HAB2 Y01 F . 21.52 -5.31 -25.63
HAB3 Y01 F . 22.09 -3.88 -25.69
HAN1 Y01 F . 19.59 -4.67 -22.47
HAN2 Y01 F . 19.51 -5.59 -23.69
HAJ1 Y01 F . 18.51 -2.91 -23.67
HAJ2 Y01 F . 18.53 -3.75 -24.96
HAO1 Y01 F . 16.88 -5.22 -24.09
HAO2 Y01 F . 17.01 -4.57 -22.73
HBB Y01 F . 16.06 -2.54 -23.61
HAC1 Y01 F . 15.22 -3.79 -26.03
HAC2 Y01 F . 15.40 -2.31 -25.77
HAC3 Y01 F . 16.63 -3.21 -26.01
HBE Y01 F . 14.43 -4.82 -23.76
HAP1 Y01 F . 14.81 -4.93 -21.53
HAP2 Y01 F . 15.25 -3.44 -21.47
HAQ1 Y01 F . 13.15 -2.83 -20.92
HAQ2 Y01 F . 12.84 -4.25 -20.66
HBG Y01 F . 12.23 -4.70 -22.81
HBD Y01 F . 11.32 -2.19 -22.23
HAE1 Y01 F . 13.82 -1.09 -24.33
HAE2 Y01 F . 14.18 -1.28 -22.81
HAE3 Y01 F . 12.78 -1.02 -23.30
HAU1 Y01 F . 12.64 -4.17 -25.38
HAU2 Y01 F . 13.25 -2.75 -25.70
HAS1 Y01 F . 11.08 -2.69 -25.98
HAS2 Y01 F . 11.47 -1.68 -24.92
HBF Y01 F . 10.46 -4.17 -24.14
HAK1 Y01 F . 10.42 -4.79 -21.71
HAK2 Y01 F . 10.79 -3.78 -20.72
HAI Y01 F . 8.60 -3.34 -20.70
HAV1 Y01 F . 6.34 -2.92 -22.04
HAV2 Y01 F . 6.74 -1.54 -22.62
HBC Y01 F . 5.95 -3.78 -24.20
HAD1 Y01 F . 8.46 -0.59 -23.53
HAD2 Y01 F . 9.87 -0.70 -23.04
HAD3 Y01 F . 9.57 -0.54 -24.59
HAT1 Y01 F . 8.80 -2.63 -25.93
HAT2 Y01 F . 8.26 -3.86 -25.19
HAR1 Y01 F . 6.51 -2.61 -26.08
HAR2 Y01 F . 6.92 -1.35 -25.31
HAM1 Y01 F . 1.88 -1.56 -23.40
HAM2 Y01 F . 2.00 -1.87 -24.90
HAL1 Y01 F . 1.24 -4.01 -23.21
HAL2 Y01 F . 0.91 -3.87 -24.69
O12 PC1 G . 14.79 -0.97 -10.01
P PC1 G . 13.83 -0.09 -10.78
O14 PC1 G . 14.06 1.40 -10.83
O13 PC1 G . 12.35 -0.35 -10.23
O11 PC1 G . 13.77 -0.64 -12.29
C1 PC1 G . 13.34 0.17 -13.38
C2 PC1 G . 13.94 -0.43 -14.65
O21 PC1 G . 15.21 -0.98 -14.30
C21 PC1 G . 16.01 -1.37 -15.45
O22 PC1 G . 16.64 -0.52 -16.04
C22 PC1 G . 16.06 -2.81 -15.88
C23 PC1 G . 16.64 -2.91 -17.28
C24 PC1 G . 16.10 -4.14 -17.99
C25 PC1 G . 16.98 -4.56 -19.15
C26 PC1 G . 17.77 -5.82 -18.82
C27 PC1 G . 18.06 -6.66 -20.05
C28 PC1 G . 18.94 -7.84 -19.67
C29 PC1 G . 18.39 -9.16 -20.20
C2A PC1 G . 19.29 -10.32 -19.81
C3 PC1 G . 14.07 0.65 -15.72
O31 PC1 G . 14.24 0.08 -17.02
C31 PC1 G . 14.45 0.95 -18.18
O32 PC1 G . 13.49 1.46 -18.73
C32 PC1 G . 15.85 1.22 -18.66
C33 PC1 G . 16.00 0.92 -20.15
C34 PC1 G . 17.47 0.75 -20.50
C35 PC1 G . 17.66 0.33 -21.95
C36 PC1 G . 18.99 0.80 -22.52
C37 PC1 G . 20.17 0.28 -21.69
C38 PC1 G . 21.25 -0.29 -22.59
H11 PC1 G . 12.26 0.18 -13.44
H12 PC1 G . 13.69 1.19 -13.27
H2 PC1 G . 13.28 -1.23 -15.02
H221 PC1 G . 15.06 -3.24 -15.85
H222 PC1 G . 16.70 -3.37 -15.18
H231 PC1 G . 17.73 -2.96 -17.24
H232 PC1 G . 16.37 -2.01 -17.85
H241 PC1 G . 15.09 -3.92 -18.36
H242 PC1 G . 16.00 -4.95 -17.26
H251 PC1 G . 17.67 -3.76 -19.40
H252 PC1 G . 16.36 -4.75 -20.02
H261 PC1 G . 17.20 -6.44 -18.12
H262 PC1 G . 18.70 -5.54 -18.35
H271 PC1 G . 18.59 -6.04 -20.79
H272 PC1 G . 17.13 -7.02 -20.49
H281 PC1 G . 19.01 -7.91 -18.57
H282 PC1 G . 19.96 -7.69 -20.05
H291 PC1 G . 18.33 -9.10 -21.29
H292 PC1 G . 17.38 -9.32 -19.82
H2A1 PC1 G . 18.78 -11.26 -20.03
H2A2 PC1 G . 19.45 -10.31 -18.73
H31 PC1 G . 13.19 1.29 -15.71
H32 PC1 G . 14.93 1.26 -15.49
H321 PC1 G . 16.10 2.27 -18.48
H322 PC1 G . 16.56 0.60 -18.11
H331 PC1 G . 15.58 1.75 -20.74
H332 PC1 G . 15.44 0.02 -20.41
H341 PC1 G . 18.00 1.69 -20.32
H342 PC1 G . 17.91 -0.01 -19.85
H351 PC1 G . 16.84 0.74 -22.56
H352 PC1 G . 17.60 -0.77 -22.02
H361 PC1 G . 19.02 1.89 -22.52
H362 PC1 G . 19.09 0.45 -23.54
H371 PC1 G . 19.83 -0.50 -21.01
H372 PC1 G . 20.57 1.09 -21.09
H381 PC1 G . 22.20 -0.31 -22.04
H382 PC1 G . 21.40 0.37 -23.44
O1B LMT H . 39.28 -12.71 -35.17
C1' LMT H . 35.94 -10.70 -36.50
C2' LMT H . 36.93 -11.11 -37.60
C3' LMT H . 37.91 -12.17 -37.04
C4' LMT H . 38.58 -11.65 -35.76
C5' LMT H . 37.42 -11.25 -34.83
C6' LMT H . 37.85 -10.86 -33.44
O1' LMT H . 35.14 -9.67 -36.92
O2' LMT H . 36.23 -11.66 -38.64
O3' LMT H . 38.86 -12.49 -37.97
O5' LMT H . 36.68 -10.20 -35.38
O6' LMT H . 36.74 -11.01 -32.65
C1 LMT H . 34.25 -9.18 -35.95
C2 LMT H . 32.88 -9.47 -36.48
C3 LMT H . 31.76 -9.36 -35.48
C4 LMT H . 30.61 -10.22 -35.94
C5 LMT H . 30.27 -11.26 -34.92
C6 LMT H . 28.83 -11.63 -34.94
C7 LMT H . 28.65 -13.05 -34.50
C8 LMT H . 27.36 -13.18 -33.79
C9 LMT H . 26.82 -14.58 -33.77
C10 LMT H . 25.54 -14.57 -32.98
C11 LMT H . 25.04 -15.96 -32.75
C12 LMT H . 23.78 -15.97 -31.95
H1' LMT H . 35.45 -11.49 -36.23
H2' LMT H . 37.45 -10.32 -37.82
H3' LMT H . 37.37 -12.92 -36.77
H4' LMT H . 39.13 -10.88 -35.97
H5' LMT H . 36.90 -12.05 -34.72
H6D LMT H . 38.60 -11.41 -33.17
H6E LMT H . 38.24 -9.97 -33.46
H2O2 LMT H . 36.79 -12.10 -39.10
H3O2 LMT H . 38.51 -13.10 -38.44
H6' LMT H . 36.15 -10.50 -32.98
H12 LMT H . 34.35 -8.22 -35.76
H11 LMT H . 34.41 -9.60 -35.08
H22 LMT H . 32.89 -10.36 -36.84
H21 LMT H . 32.70 -8.87 -37.22
H32 LMT H . 31.47 -8.45 -35.37
H31 LMT H . 32.06 -9.64 -34.60
H42 LMT H . 30.81 -10.63 -36.80
H41 LMT H . 29.84 -9.67 -36.12
H52 LMT H . 30.51 -10.95 -34.04
H51 LMT H . 30.82 -12.05 -35.07
H62 LMT H . 28.45 -11.49 -35.83
H61 LMT H . 28.32 -11.03 -34.37
H72 LMT H . 29.39 -13.31 -33.94
H71 LMT H . 28.69 -13.64 -35.27
H82 LMT H . 26.70 -12.59 -34.20
H81 LMT H . 27.44 -12.87 -32.88
H92 LMT H . 27.45 -15.21 -33.40
H91 LMT H . 26.65 -14.90 -34.67
H102 LMT H . 24.87 -14.05 -33.43
H101 LMT H . 25.69 -14.11 -32.14
H112 LMT H . 25.73 -16.47 -32.29
H111 LMT H . 24.90 -16.39 -33.60
H123 LMT H . 23.93 -16.34 -31.06
H122 LMT H . 23.10 -16.50 -32.37
H121 LMT H . 23.45 -15.06 -31.83
O1' LMT I . 36.54 -7.18 -30.65
C1 LMT I . 35.36 -7.84 -31.05
C2 LMT I . 34.37 -6.74 -31.29
C3 LMT I . 32.96 -7.16 -31.54
C4 LMT I . 32.08 -5.94 -31.38
C5 LMT I . 31.11 -6.15 -30.27
C6 LMT I . 30.17 -5.01 -30.14
C7 LMT I . 29.06 -5.37 -29.19
C8 LMT I . 28.11 -4.23 -29.11
C9 LMT I . 27.09 -4.35 -28.03
C10 LMT I . 27.19 -3.15 -27.12
C11 LMT I . 25.86 -2.81 -26.53
C12 LMT I . 25.97 -1.76 -25.47
H12 LMT I . 35.01 -8.48 -30.41
H11 LMT I . 35.52 -8.38 -31.85
H22 LMT I . 34.67 -6.23 -32.06
H21 LMT I . 34.39 -6.14 -30.53
H32 LMT I . 32.67 -7.86 -30.92
H31 LMT I . 32.86 -7.54 -32.42
H42 LMT I . 31.62 -5.77 -32.22
H41 LMT I . 32.61 -5.14 -31.23
H52 LMT I . 31.59 -6.28 -29.45
H51 LMT I . 30.63 -6.97 -30.42
H62 LMT I . 29.81 -4.76 -31.01
H61 LMT I . 30.63 -4.21 -29.83
H72 LMT I . 29.41 -5.60 -28.33
H71 LMT I . 28.61 -6.17 -29.50
H82 LMT I . 27.67 -4.12 -29.96
H81 LMT I . 28.62 -3.41 -28.98
H92 LMT I . 27.21 -5.16 -27.52
H91 LMT I . 26.20 -4.42 -28.40
H102 LMT I . 27.54 -2.38 -27.60
H101 LMT I . 27.84 -3.31 -26.42
H112 LMT I . 25.45 -3.60 -26.18
H111 LMT I . 25.27 -2.50 -27.24
H123 LMT I . 25.35 -1.92 -24.75
H122 LMT I . 25.78 -0.88 -25.83
H121 LMT I . 26.86 -1.75 -25.11
O1' LMT J . 2.61 -10.91 -35.24
C1 LMT J . 3.59 -9.91 -35.37
C2 LMT J . 4.89 -10.67 -35.29
C3 LMT J . 6.13 -9.84 -35.33
C4 LMT J . 7.31 -10.77 -35.44
C5 LMT J . 8.43 -10.33 -34.58
C6 LMT J . 9.76 -10.79 -35.08
C7 LMT J . 10.76 -10.73 -33.98
C8 LMT J . 12.10 -11.10 -34.51
C9 LMT J . 13.20 -10.97 -33.50
C10 LMT J . 14.47 -11.43 -34.18
C11 LMT J . 15.65 -11.23 -33.29
C12 LMT J . 16.52 -12.43 -33.24
H12 LMT J . 3.57 -9.22 -34.69
H11 LMT J . 3.50 -9.43 -36.20
H22 LMT J . 4.93 -11.30 -36.02
H21 LMT J . 4.90 -11.20 -34.48
H32 LMT J . 6.23 -9.28 -34.53
H31 LMT J . 6.13 -9.22 -36.07
H42 LMT J . 7.58 -10.84 -36.38
H41 LMT J . 7.04 -11.67 -35.21
H52 LMT J . 8.29 -10.64 -33.68
H51 LMT J . 8.42 -9.36 -34.52
H62 LMT J . 10.05 -10.25 -35.83
H61 LMT J . 9.69 -11.69 -35.44
H72 LMT J . 10.50 -11.32 -33.25
H71 LMT J . 10.77 -9.84 -33.57
H82 LMT J . 12.30 -10.56 -35.28
H81 LMT J . 12.08 -12.01 -34.83
H92 LMT J . 13.03 -11.49 -32.71
H91 LMT J . 13.29 -10.06 -33.20
H102 LMT J . 14.59 -10.97 -35.01
H101 LMT J . 14.38 -12.37 -34.41
H112 LMT J . 15.35 -10.99 -32.40
H111 LMT J . 16.17 -10.47 -33.62
H123 LMT J . 16.16 -13.10 -32.63
H122 LMT J . 16.63 -12.84 -34.11
H121 LMT J . 17.41 -12.19 -32.90
O21 PC1 K . 21.35 -32.47 -47.06
C21 PC1 K . 22.20 -32.51 -45.88
O22 PC1 K . 22.66 -33.58 -45.51
C22 PC1 K . 22.51 -31.23 -45.13
C23 PC1 K . 21.23 -30.45 -44.85
C24 PC1 K . 20.46 -31.03 -43.68
C25 PC1 K . 19.64 -29.96 -42.98
C26 PC1 K . 18.98 -30.52 -41.73
C27 PC1 K . 18.37 -29.43 -40.86
C28 PC1 K . 18.60 -29.72 -39.38
C29 PC1 K . 17.60 -29.01 -38.48
C2A PC1 K . 18.10 -28.94 -37.04
C2B PC1 K . 16.95 -28.66 -36.09
C2C PC1 K . 17.44 -28.18 -34.72
C2D PC1 K . 16.47 -27.15 -34.16
C2E PC1 K . 16.83 -26.75 -32.73
C2F PC1 K . 15.63 -26.08 -32.05
C2G PC1 K . 16.04 -25.37 -30.76
C2H PC1 K . 15.39 -24.00 -30.60
C2I PC1 K . 14.28 -23.99 -29.57
H221 PC1 K . 23.19 -30.62 -45.72
H222 PC1 K . 23.01 -31.47 -44.19
H231 PC1 K . 20.60 -30.47 -45.74
H232 PC1 K . 21.48 -29.41 -44.64
H241 PC1 K . 21.15 -31.48 -42.97
H242 PC1 K . 19.79 -31.82 -44.04
H251 PC1 K . 18.86 -29.59 -43.66
H252 PC1 K . 20.28 -29.12 -42.71
H261 PC1 K . 19.72 -31.07 -41.14
H262 PC1 K . 18.19 -31.23 -42.00
H271 PC1 K . 17.30 -29.36 -41.05
H272 PC1 K . 18.82 -28.47 -41.10
H281 PC1 K . 19.61 -29.42 -39.10
H282 PC1 K . 18.52 -30.81 -39.21
H291 PC1 K . 16.64 -29.53 -38.51
H292 PC1 K . 17.44 -28.00 -38.86
H2A1 PC1 K . 18.85 -28.15 -36.96
H2A2 PC1 K . 18.58 -29.88 -36.78
H2B1 PC1 K . 16.37 -29.58 -35.95
H2B2 PC1 K . 16.29 -27.91 -36.52
H2C1 PC1 K . 18.43 -27.73 -34.82
H2C2 PC1 K . 17.51 -29.02 -34.04
H2D1 PC1 K . 15.45 -27.55 -34.18
H2D2 PC1 K . 16.49 -26.26 -34.79
H2E1 PC1 K . 17.67 -26.06 -32.75
H2E2 PC1 K . 17.12 -27.64 -32.16
H2F1 PC1 K . 14.88 -26.83 -31.82
H2F2 PC1 K . 15.18 -25.37 -32.76
H2G1 PC1 K . 17.13 -25.25 -30.76
H2G2 PC1 K . 15.79 -26.00 -29.92
H2H1 PC1 K . 14.97 -23.68 -31.56
H2H2 PC1 K . 16.15 -23.27 -30.31
H2I1 PC1 K . 14.11 -22.98 -29.26
H2I2 PC1 K . 14.55 -24.58 -28.74
H2I3 PC1 K . 13.40 -24.37 -30.02
CAA Y01 L . 16.69 -24.59 -38.73
CBA Y01 L . 15.62 -23.74 -38.02
CAB Y01 L . 14.50 -23.45 -39.03
CAN Y01 L . 15.08 -24.39 -36.71
CAJ Y01 L . 13.60 -24.15 -36.36
CAO Y01 L . 13.14 -24.57 -34.95
CBB Y01 L . 11.60 -24.54 -34.76
CAC Y01 L . 10.92 -25.75 -35.43
CBE Y01 L . 11.26 -24.44 -33.26
CAP Y01 L . 11.89 -23.23 -32.48
CAQ Y01 L . 10.94 -22.83 -31.38
CBG Y01 L . 9.93 -23.97 -31.47
CBI Y01 L . 9.75 -24.28 -32.96
CAE Y01 L . 9.02 -23.17 -33.82
CAU Y01 L . 8.89 -25.54 -33.11
CAS Y01 L . 7.54 -25.27 -32.46
CBF Y01 L . 7.66 -24.80 -31.00
CBD Y01 L . 8.60 -23.58 -30.88
CAK Y01 L . 8.91 -23.30 -29.40
CAI Y01 L . 7.66 -23.40 -28.64
CAZ Y01 L . 6.42 -23.57 -29.14
CAV Y01 L . 5.13 -23.49 -28.33
CBH Y01 L . 6.32 -24.37 -30.40
CAD Y01 L . 5.61 -23.37 -31.36
CAT Y01 L . 5.45 -25.63 -30.16
CAR Y01 L . 4.11 -25.43 -29.44
CBC Y01 L . 4.30 -24.80 -28.06
OAW Y01 L . 2.99 -24.60 -27.46
CAY Y01 L . 2.54 -25.36 -26.35
OAG Y01 L . 3.44 -25.87 -25.70
CAM Y01 L . 1.04 -25.58 -25.92
CAL Y01 L . 0.60 -24.73 -24.70
CAX Y01 L . 1.17 -23.24 -24.64
OAH Y01 L . 1.29 -22.63 -25.73
OAF Y01 L . 1.46 -22.79 -23.51
HAA1 Y01 L . 17.57 -24.49 -38.35
HAA2 Y01 L . 16.80 -24.39 -39.66
HAA3 Y01 L . 16.51 -25.55 -38.71
HBA Y01 L . 16.04 -22.90 -37.80
HAB1 Y01 L . 13.89 -22.76 -38.73
HAB2 Y01 L . 13.95 -24.22 -39.24
HAB3 Y01 L . 14.82 -23.13 -39.89
HAN1 Y01 L . 15.63 -24.11 -35.96
HAN2 Y01 L . 15.24 -25.35 -36.74
HAJ1 Y01 L . 13.39 -23.21 -36.47
HAJ2 Y01 L . 13.03 -24.61 -37.01
HAO1 Y01 L . 13.46 -25.45 -34.69
HAO2 Y01 L . 13.55 -23.98 -34.30
HBB Y01 L . 11.24 -23.73 -35.15
HAC1 Y01 L . 10.72 -26.51 -34.84
HAC2 Y01 L . 10.05 -25.55 -35.81
HAC3 Y01 L . 11.45 -26.15 -36.13
HBE Y01 L . 11.54 -25.25 -32.82
HAP1 Y01 L . 12.75 -23.44 -32.08
HAP2 Y01 L . 12.01 -22.47 -33.08
HAQ1 Y01 L . 10.52 -21.97 -31.48
HAQ2 Y01 L . 11.29 -22.74 -30.49
HBG Y01 L . 10.22 -24.70 -30.91
HBD Y01 L . 8.35 -22.76 -31.31
HAE1 Y01 L . 8.69 -23.50 -34.67
HAE2 Y01 L . 9.54 -22.36 -33.98
HAE3 Y01 L . 8.20 -22.82 -33.46
HAU1 Y01 L . 9.26 -26.34 -32.73
HAU2 Y01 L . 8.71 -25.66 -34.05
HAS1 Y01 L . 7.05 -26.08 -32.65
HAS2 Y01 L . 7.08 -24.62 -32.99
HBF Y01 L . 8.13 -25.52 -30.55
HAK1 Y01 L . 9.65 -23.86 -29.14
HAK2 Y01 L . 9.37 -22.45 -29.41
HAI Y01 L . 7.90 -23.46 -27.74
HAV1 Y01 L . 5.31 -23.07 -27.48
HAV2 Y01 L . 4.55 -22.89 -28.83
HBC Y01 L . 4.84 -25.41 -27.53
HAD1 Y01 L . 5.26 -22.64 -30.82
HAD2 Y01 L . 6.20 -22.90 -31.97
HAD3 Y01 L . 4.85 -23.72 -31.85
HAT1 Y01 L . 5.27 -26.07 -31.00
HAT2 Y01 L . 5.98 -26.26 -29.66
HAR1 Y01 L . 3.69 -26.30 -29.31
HAR2 Y01 L . 3.48 -24.94 -30.00
HAM1 Y01 L . 0.46 -25.34 -26.65
HAM2 Y01 L . 0.85 -26.50 -25.72
HAL1 Y01 L . 0.84 -25.15 -23.86
HAL2 Y01 L . -0.36 -24.64 -24.66
#